data_1JN7
#
_entry.id   1JN7
#
_cell.length_a   ?
_cell.length_b   ?
_cell.length_c   ?
_cell.angle_alpha   ?
_cell.angle_beta   ?
_cell.angle_gamma   ?
#
loop_
_entity.id
_entity.type
_entity.pdbx_description
1 polymer 'U-shaped TRANSCRIPTIONAL COFACTOR'
2 non-polymer 'ZINC ION'
#
_entity_poly.entity_id   1
_entity_poly.type   'polypeptide(L)'
_entity_poly.pdbx_seq_one_letter_code
;GSAAEVMKKYCSTCDISFNYVKTYLAHKQFYHKNKP
;
_entity_poly.pdbx_strand_id   A
#
# COMPACT_ATOMS: atom_id res chain seq x y z
N GLY A 1 4.69 3.44 11.95
CA GLY A 1 4.46 2.70 10.68
C GLY A 1 3.01 2.76 10.23
N SER A 2 2.10 2.91 11.19
CA SER A 2 0.68 2.99 10.88
C SER A 2 -0.12 3.39 12.11
N ALA A 3 -1.44 3.28 12.01
CA ALA A 3 -2.32 3.63 13.12
C ALA A 3 -2.17 5.11 13.49
N ALA A 4 -2.31 5.97 12.49
CA ALA A 4 -2.18 7.42 12.70
C ALA A 4 -2.49 8.19 11.43
N GLU A 5 -1.59 8.09 10.46
CA GLU A 5 -1.75 8.79 9.18
C GLU A 5 -0.44 8.80 8.40
N VAL A 6 0.03 7.61 8.01
CA VAL A 6 1.27 7.48 7.27
C VAL A 6 1.05 6.77 5.95
N MET A 7 1.97 6.96 5.01
CA MET A 7 1.89 6.33 3.70
C MET A 7 0.67 6.83 2.93
N LYS A 8 0.57 6.46 1.67
CA LYS A 8 -0.54 6.87 0.82
C LYS A 8 -0.88 5.79 -0.20
N LYS A 9 -0.08 5.68 -1.24
CA LYS A 9 -0.29 4.69 -2.28
C LYS A 9 1.02 4.02 -2.68
N TYR A 10 1.76 3.53 -1.68
CA TYR A 10 3.03 2.87 -1.92
C TYR A 10 3.35 1.89 -0.79
N CYS A 11 3.79 0.69 -1.15
CA CYS A 11 4.14 -0.31 -0.15
C CYS A 11 5.63 -0.35 0.11
N SER A 12 6.01 -0.16 1.36
CA SER A 12 7.42 -0.19 1.75
C SER A 12 7.91 -1.63 1.88
N THR A 13 6.99 -2.55 2.12
CA THR A 13 7.32 -3.95 2.26
C THR A 13 7.52 -4.61 0.90
N CYS A 14 6.65 -4.28 -0.05
CA CYS A 14 6.73 -4.85 -1.39
C CYS A 14 7.41 -3.88 -2.37
N ASP A 15 7.78 -2.71 -1.88
CA ASP A 15 8.44 -1.71 -2.71
C ASP A 15 7.63 -1.44 -3.97
N ILE A 16 6.30 -1.38 -3.82
CA ILE A 16 5.42 -1.14 -4.95
C ILE A 16 4.76 0.22 -4.83
N SER A 17 4.21 0.72 -5.94
CA SER A 17 3.55 2.01 -5.94
C SER A 17 2.15 1.92 -6.54
N PHE A 18 1.29 2.86 -6.17
CA PHE A 18 -0.08 2.88 -6.65
C PHE A 18 -0.50 4.31 -6.99
N ASN A 19 -1.08 4.50 -8.16
CA ASN A 19 -1.52 5.82 -8.60
C ASN A 19 -2.97 6.08 -8.19
N TYR A 20 -3.50 5.25 -7.30
CA TYR A 20 -4.86 5.41 -6.84
C TYR A 20 -5.04 4.78 -5.45
N VAL A 21 -5.50 5.58 -4.49
CA VAL A 21 -5.71 5.10 -3.14
C VAL A 21 -6.51 3.79 -3.12
N LYS A 22 -7.35 3.62 -4.13
CA LYS A 22 -8.17 2.41 -4.25
C LYS A 22 -7.28 1.19 -4.48
N THR A 23 -6.18 1.39 -5.20
CA THR A 23 -5.26 0.30 -5.48
C THR A 23 -4.47 -0.06 -4.24
N TYR A 24 -4.07 0.96 -3.49
CA TYR A 24 -3.31 0.74 -2.25
C TYR A 24 -4.17 -0.03 -1.26
N LEU A 25 -5.47 0.19 -1.34
CA LEU A 25 -6.41 -0.50 -0.45
C LEU A 25 -6.59 -1.93 -0.91
N ALA A 26 -6.71 -2.11 -2.22
CA ALA A 26 -6.88 -3.43 -2.80
C ALA A 26 -5.65 -4.30 -2.57
N HIS A 27 -4.48 -3.65 -2.50
CA HIS A 27 -3.24 -4.38 -2.28
C HIS A 27 -3.15 -4.88 -0.84
N LYS A 28 -3.59 -4.06 0.11
CA LYS A 28 -3.55 -4.43 1.52
C LYS A 28 -4.61 -5.47 1.83
N GLN A 29 -5.75 -5.37 1.14
CA GLN A 29 -6.86 -6.30 1.35
C GLN A 29 -6.69 -7.57 0.51
N PHE A 30 -5.90 -7.48 -0.56
CA PHE A 30 -5.68 -8.62 -1.44
C PHE A 30 -4.30 -9.24 -1.20
N TYR A 31 -3.27 -8.41 -1.23
CA TYR A 31 -1.90 -8.89 -1.04
C TYR A 31 -1.65 -9.22 0.43
N HIS A 32 -1.94 -8.27 1.31
CA HIS A 32 -1.73 -8.45 2.74
C HIS A 32 -3.03 -8.87 3.43
N LYS A 33 -3.80 -9.71 2.75
CA LYS A 33 -5.07 -10.19 3.30
C LYS A 33 -5.73 -11.19 2.36
N ASN A 34 -5.19 -12.40 2.31
CA ASN A 34 -5.72 -13.45 1.45
C ASN A 34 -6.55 -14.45 2.24
N LYS A 35 -7.20 -13.96 3.30
CA LYS A 35 -8.02 -14.81 4.15
C LYS A 35 -8.72 -13.99 5.23
N PRO A 36 -9.49 -12.96 4.83
CA PRO A 36 -10.20 -12.11 5.77
C PRO A 36 -11.37 -12.83 6.45
N GLY A 1 14.62 13.47 5.31
CA GLY A 1 13.49 13.53 4.34
C GLY A 1 12.40 12.53 4.65
N SER A 2 12.77 11.43 5.30
CA SER A 2 11.81 10.39 5.66
C SER A 2 12.09 9.86 7.07
N ALA A 3 11.14 10.07 7.97
CA ALA A 3 11.27 9.61 9.34
C ALA A 3 10.51 8.31 9.57
N ALA A 4 10.40 7.50 8.52
CA ALA A 4 9.69 6.23 8.61
C ALA A 4 8.25 6.43 9.04
N GLU A 5 7.34 6.40 8.06
CA GLU A 5 5.91 6.58 8.32
C GLU A 5 5.15 6.86 7.03
N VAL A 6 5.14 5.87 6.13
CA VAL A 6 4.45 6.00 4.86
C VAL A 6 3.01 5.52 4.95
N MET A 7 2.12 6.18 4.21
CA MET A 7 0.71 5.83 4.22
C MET A 7 -0.06 6.62 3.17
N LYS A 8 0.03 6.18 1.92
CA LYS A 8 -0.66 6.85 0.82
C LYS A 8 -1.00 5.86 -0.29
N LYS A 9 -0.05 5.62 -1.19
CA LYS A 9 -0.25 4.69 -2.30
C LYS A 9 1.05 3.98 -2.67
N TYR A 10 1.76 3.50 -1.65
CA TYR A 10 3.02 2.80 -1.86
C TYR A 10 3.30 1.83 -0.71
N CYS A 11 3.71 0.61 -1.06
CA CYS A 11 3.99 -0.40 -0.04
C CYS A 11 5.45 -0.34 0.41
N SER A 12 5.64 -0.22 1.72
CA SER A 12 6.98 -0.17 2.30
C SER A 12 7.52 -1.57 2.58
N THR A 13 6.96 -2.57 1.90
CA THR A 13 7.39 -3.95 2.09
C THR A 13 7.56 -4.65 0.76
N CYS A 14 6.71 -4.30 -0.21
CA CYS A 14 6.79 -4.90 -1.54
C CYS A 14 7.45 -3.97 -2.54
N ASP A 15 7.87 -2.79 -2.07
CA ASP A 15 8.52 -1.81 -2.93
C ASP A 15 7.66 -1.51 -4.15
N ILE A 16 6.35 -1.39 -3.95
CA ILE A 16 5.42 -1.11 -5.04
C ILE A 16 4.73 0.23 -4.82
N SER A 17 4.16 0.77 -5.89
CA SER A 17 3.46 2.04 -5.83
C SER A 17 2.09 1.95 -6.48
N PHE A 18 1.24 2.93 -6.20
CA PHE A 18 -0.10 2.96 -6.76
C PHE A 18 -0.50 4.36 -7.14
N ASN A 19 -1.15 4.51 -8.28
CA ASN A 19 -1.60 5.81 -8.76
C ASN A 19 -3.03 6.11 -8.30
N TYR A 20 -3.53 5.28 -7.39
CA TYR A 20 -4.88 5.45 -6.87
C TYR A 20 -5.01 4.84 -5.48
N VAL A 21 -5.49 5.64 -4.52
CA VAL A 21 -5.66 5.16 -3.15
C VAL A 21 -6.44 3.85 -3.11
N LYS A 22 -7.33 3.67 -4.09
CA LYS A 22 -8.14 2.46 -4.18
C LYS A 22 -7.27 1.25 -4.44
N THR A 23 -6.22 1.45 -5.24
CA THR A 23 -5.31 0.35 -5.57
C THR A 23 -4.46 -0.02 -4.36
N TYR A 24 -4.03 0.99 -3.61
CA TYR A 24 -3.23 0.76 -2.42
C TYR A 24 -4.06 0.02 -1.38
N LEU A 25 -5.37 0.24 -1.41
CA LEU A 25 -6.28 -0.42 -0.48
C LEU A 25 -6.48 -1.87 -0.91
N ALA A 26 -6.64 -2.07 -2.21
CA ALA A 26 -6.84 -3.39 -2.77
C ALA A 26 -5.61 -4.27 -2.53
N HIS A 27 -4.43 -3.65 -2.49
CA HIS A 27 -3.19 -4.39 -2.28
C HIS A 27 -3.11 -4.91 -0.85
N LYS A 28 -3.52 -4.08 0.11
CA LYS A 28 -3.47 -4.47 1.51
C LYS A 28 -4.58 -5.46 1.84
N GLN A 29 -5.73 -5.30 1.18
CA GLN A 29 -6.87 -6.18 1.39
C GLN A 29 -6.78 -7.44 0.53
N PHE A 30 -5.89 -7.44 -0.45
CA PHE A 30 -5.73 -8.60 -1.33
C PHE A 30 -4.36 -9.25 -1.15
N TYR A 31 -3.31 -8.44 -1.21
CA TYR A 31 -1.95 -8.95 -1.06
C TYR A 31 -1.65 -9.29 0.41
N HIS A 32 -1.88 -8.33 1.29
CA HIS A 32 -1.63 -8.53 2.71
C HIS A 32 -2.91 -8.93 3.43
N LYS A 33 -3.68 -9.83 2.83
CA LYS A 33 -4.93 -10.29 3.41
C LYS A 33 -5.51 -11.45 2.60
N ASN A 34 -4.66 -12.38 2.20
CA ASN A 34 -5.09 -13.53 1.42
C ASN A 34 -3.94 -14.52 1.22
N LYS A 35 -3.11 -14.67 2.25
CA LYS A 35 -1.98 -15.58 2.20
C LYS A 35 -1.02 -15.20 1.07
N PRO A 36 -0.11 -14.26 1.33
CA PRO A 36 0.87 -13.80 0.33
C PRO A 36 1.92 -14.86 0.02
N GLY A 1 -3.25 13.22 12.64
CA GLY A 1 -2.32 14.27 12.16
C GLY A 1 -1.94 14.10 10.70
N SER A 2 -0.75 13.56 10.45
CA SER A 2 -0.28 13.34 9.10
C SER A 2 0.95 12.43 9.09
N ALA A 3 0.98 11.49 10.02
CA ALA A 3 2.09 10.55 10.12
C ALA A 3 1.59 9.11 10.23
N ALA A 4 0.54 8.80 9.48
CA ALA A 4 -0.04 7.46 9.50
C ALA A 4 -0.31 6.96 8.08
N GLU A 5 0.71 7.06 7.23
CA GLU A 5 0.60 6.62 5.84
C GLU A 5 1.77 7.16 5.01
N VAL A 6 2.97 6.71 5.34
CA VAL A 6 4.18 7.14 4.63
C VAL A 6 4.09 6.80 3.14
N MET A 7 4.20 7.83 2.31
CA MET A 7 4.14 7.64 0.86
C MET A 7 2.79 7.04 0.45
N LYS A 8 1.82 7.91 0.18
CA LYS A 8 0.49 7.48 -0.21
C LYS A 8 0.55 6.62 -1.47
N LYS A 9 -0.24 5.55 -1.49
CA LYS A 9 -0.29 4.65 -2.64
C LYS A 9 1.08 4.02 -2.89
N TYR A 10 1.71 3.53 -1.83
CA TYR A 10 3.02 2.90 -1.94
C TYR A 10 3.25 1.93 -0.79
N CYS A 11 3.59 0.69 -1.12
CA CYS A 11 3.82 -0.32 -0.10
C CYS A 11 5.26 -0.26 0.43
N SER A 12 5.39 -0.14 1.74
CA SER A 12 6.70 -0.07 2.38
C SER A 12 7.27 -1.46 2.67
N THR A 13 6.75 -2.47 1.98
CA THR A 13 7.21 -3.83 2.17
C THR A 13 7.44 -4.52 0.82
N CYS A 14 6.61 -4.19 -0.16
CA CYS A 14 6.73 -4.78 -1.49
C CYS A 14 7.45 -3.84 -2.45
N ASP A 15 7.79 -2.64 -1.98
CA ASP A 15 8.47 -1.66 -2.80
C ASP A 15 7.67 -1.37 -4.07
N ILE A 16 6.36 -1.35 -3.92
CA ILE A 16 5.46 -1.09 -5.05
C ILE A 16 4.74 0.24 -4.88
N SER A 17 4.19 0.75 -5.96
CA SER A 17 3.48 2.02 -5.93
C SER A 17 2.11 1.89 -6.60
N PHE A 18 1.23 2.84 -6.31
CA PHE A 18 -0.11 2.84 -6.86
C PHE A 18 -0.53 4.24 -7.27
N ASN A 19 -1.16 4.35 -8.43
CA ASN A 19 -1.61 5.64 -8.93
C ASN A 19 -2.96 6.04 -8.32
N TYR A 20 -3.48 5.20 -7.43
CA TYR A 20 -4.76 5.46 -6.79
C TYR A 20 -4.78 4.85 -5.38
N VAL A 21 -5.17 5.66 -4.40
CA VAL A 21 -5.23 5.20 -3.02
C VAL A 21 -6.09 3.95 -2.91
N LYS A 22 -7.08 3.83 -3.79
CA LYS A 22 -7.96 2.68 -3.80
C LYS A 22 -7.19 1.42 -4.16
N THR A 23 -6.24 1.55 -5.07
CA THR A 23 -5.42 0.42 -5.48
C THR A 23 -4.52 -0.04 -4.33
N TYR A 24 -3.96 0.93 -3.63
CA TYR A 24 -3.10 0.64 -2.49
C TYR A 24 -3.89 -0.08 -1.41
N LEU A 25 -5.19 0.21 -1.34
CA LEU A 25 -6.06 -0.42 -0.37
C LEU A 25 -6.36 -1.85 -0.79
N ALA A 26 -6.64 -2.02 -2.09
CA ALA A 26 -6.92 -3.33 -2.64
C ALA A 26 -5.72 -4.26 -2.49
N HIS A 27 -4.52 -3.68 -2.52
CA HIS A 27 -3.30 -4.46 -2.39
C HIS A 27 -3.14 -4.97 -0.96
N LYS A 28 -3.49 -4.13 0.01
CA LYS A 28 -3.39 -4.50 1.41
C LYS A 28 -4.48 -5.49 1.80
N GLN A 29 -5.66 -5.32 1.21
CA GLN A 29 -6.79 -6.20 1.49
C GLN A 29 -6.75 -7.46 0.62
N PHE A 30 -5.93 -7.44 -0.43
CA PHE A 30 -5.82 -8.59 -1.32
C PHE A 30 -4.46 -9.29 -1.17
N TYR A 31 -3.39 -8.50 -1.26
CA TYR A 31 -2.05 -9.04 -1.15
C TYR A 31 -1.71 -9.38 0.30
N HIS A 32 -1.95 -8.43 1.20
CA HIS A 32 -1.67 -8.63 2.61
C HIS A 32 -2.93 -9.08 3.36
N LYS A 33 -3.68 -9.99 2.75
CA LYS A 33 -4.90 -10.51 3.35
C LYS A 33 -5.42 -11.72 2.58
N ASN A 34 -4.50 -12.63 2.24
CA ASN A 34 -4.86 -13.83 1.50
C ASN A 34 -3.65 -14.75 1.34
N LYS A 35 -2.82 -14.80 2.37
CA LYS A 35 -1.63 -15.64 2.35
C LYS A 35 -0.91 -15.62 3.69
N PRO A 36 -1.31 -16.50 4.63
CA PRO A 36 -0.70 -16.57 5.95
C PRO A 36 0.73 -17.13 5.91
N GLY A 1 16.51 7.90 -0.79
CA GLY A 1 15.67 8.08 -2.01
C GLY A 1 14.45 8.93 -1.76
N SER A 2 14.65 10.09 -1.15
CA SER A 2 13.55 11.00 -0.86
C SER A 2 12.52 10.33 0.05
N ALA A 3 12.76 10.40 1.36
CA ALA A 3 11.85 9.80 2.33
C ALA A 3 11.11 10.88 3.12
N ALA A 4 10.70 11.94 2.43
CA ALA A 4 9.98 13.04 3.06
C ALA A 4 8.47 12.90 2.85
N GLU A 5 8.01 11.66 2.69
CA GLU A 5 6.59 11.38 2.48
C GLU A 5 6.40 9.96 1.98
N VAL A 6 6.74 8.98 2.81
CA VAL A 6 6.60 7.58 2.45
C VAL A 6 5.25 7.03 2.90
N MET A 7 4.17 7.66 2.45
CA MET A 7 2.83 7.23 2.81
C MET A 7 1.80 7.81 1.85
N LYS A 8 1.64 7.16 0.70
CA LYS A 8 0.67 7.61 -0.30
C LYS A 8 0.66 6.67 -1.50
N LYS A 9 -0.16 5.63 -1.42
CA LYS A 9 -0.26 4.67 -2.51
C LYS A 9 1.09 4.02 -2.80
N TYR A 10 1.75 3.52 -1.77
CA TYR A 10 3.04 2.88 -1.90
C TYR A 10 3.28 1.90 -0.76
N CYS A 11 3.60 0.65 -1.10
CA CYS A 11 3.85 -0.36 -0.08
C CYS A 11 5.29 -0.31 0.40
N SER A 12 5.45 -0.19 1.71
CA SER A 12 6.78 -0.13 2.34
C SER A 12 7.31 -1.54 2.62
N THR A 13 6.76 -2.53 1.94
CA THR A 13 7.18 -3.91 2.14
C THR A 13 7.39 -4.62 0.80
N CYS A 14 6.55 -4.28 -0.18
CA CYS A 14 6.65 -4.88 -1.50
C CYS A 14 7.38 -3.97 -2.48
N ASP A 15 7.74 -2.76 -2.03
CA ASP A 15 8.44 -1.80 -2.88
C ASP A 15 7.63 -1.50 -4.13
N ILE A 16 6.32 -1.41 -3.96
CA ILE A 16 5.42 -1.13 -5.07
C ILE A 16 4.73 0.20 -4.89
N SER A 17 4.17 0.74 -5.96
CA SER A 17 3.48 2.02 -5.91
C SER A 17 2.10 1.92 -6.56
N PHE A 18 1.24 2.88 -6.27
CA PHE A 18 -0.10 2.91 -6.81
C PHE A 18 -0.50 4.34 -7.17
N ASN A 19 -1.13 4.50 -8.33
CA ASN A 19 -1.57 5.81 -8.78
C ASN A 19 -2.96 6.15 -8.24
N TYR A 20 -3.45 5.34 -7.31
CA TYR A 20 -4.76 5.57 -6.71
C TYR A 20 -4.84 4.94 -5.33
N VAL A 21 -5.26 5.72 -4.35
CA VAL A 21 -5.38 5.23 -2.98
C VAL A 21 -6.23 3.97 -2.93
N LYS A 22 -7.18 3.86 -3.87
CA LYS A 22 -8.05 2.70 -3.94
C LYS A 22 -7.24 1.45 -4.28
N THR A 23 -6.27 1.60 -5.16
CA THR A 23 -5.42 0.48 -5.56
C THR A 23 -4.55 0.04 -4.40
N TYR A 24 -4.03 1.01 -3.66
CA TYR A 24 -3.19 0.71 -2.51
C TYR A 24 -4.00 -0.05 -1.46
N LEU A 25 -5.30 0.22 -1.42
CA LEU A 25 -6.19 -0.45 -0.48
C LEU A 25 -6.45 -1.86 -0.96
N ALA A 26 -6.71 -2.00 -2.26
CA ALA A 26 -6.96 -3.29 -2.86
C ALA A 26 -5.75 -4.21 -2.69
N HIS A 27 -4.56 -3.63 -2.66
CA HIS A 27 -3.34 -4.41 -2.50
C HIS A 27 -3.23 -4.95 -1.08
N LYS A 28 -3.46 -4.07 -0.10
CA LYS A 28 -3.39 -4.47 1.30
C LYS A 28 -4.51 -5.44 1.65
N GLN A 29 -5.62 -5.35 0.94
CA GLN A 29 -6.77 -6.21 1.19
C GLN A 29 -6.65 -7.54 0.45
N PHE A 30 -5.75 -7.61 -0.53
CA PHE A 30 -5.56 -8.84 -1.30
C PHE A 30 -4.17 -9.44 -1.07
N TYR A 31 -3.14 -8.61 -1.20
CA TYR A 31 -1.77 -9.07 -1.00
C TYR A 31 -1.46 -9.28 0.47
N HIS A 32 -2.01 -8.43 1.32
CA HIS A 32 -1.79 -8.53 2.76
C HIS A 32 -3.08 -8.91 3.48
N LYS A 33 -3.73 -9.96 3.01
CA LYS A 33 -4.97 -10.42 3.61
C LYS A 33 -5.08 -11.94 3.56
N ASN A 34 -4.06 -12.62 4.09
CA ASN A 34 -4.04 -14.07 4.12
C ASN A 34 -4.09 -14.64 2.69
N LYS A 35 -3.45 -13.95 1.76
CA LYS A 35 -3.42 -14.37 0.37
C LYS A 35 -2.26 -13.73 -0.38
N PRO A 36 -1.55 -14.50 -1.21
CA PRO A 36 -0.41 -14.00 -1.99
C PRO A 36 -0.85 -13.04 -3.10
N GLY A 1 9.51 5.95 -11.89
CA GLY A 1 9.78 7.41 -11.99
C GLY A 1 8.63 8.25 -11.48
N SER A 2 7.45 8.05 -12.05
CA SER A 2 6.26 8.80 -11.64
C SER A 2 5.94 8.54 -10.17
N ALA A 3 5.88 9.62 -9.39
CA ALA A 3 5.58 9.53 -7.97
C ALA A 3 6.63 8.66 -7.26
N ALA A 4 7.63 9.32 -6.67
CA ALA A 4 8.68 8.62 -5.96
C ALA A 4 8.89 9.21 -4.57
N GLU A 5 7.79 9.65 -3.94
CA GLU A 5 7.84 10.23 -2.61
C GLU A 5 6.53 10.95 -2.29
N VAL A 6 5.44 10.18 -2.21
CA VAL A 6 4.14 10.74 -1.92
C VAL A 6 3.60 10.23 -0.59
N MET A 7 3.87 8.96 -0.30
CA MET A 7 3.41 8.35 0.94
C MET A 7 1.89 8.35 1.03
N LYS A 8 1.27 7.36 0.42
CA LYS A 8 -0.19 7.24 0.43
C LYS A 8 -0.65 6.00 -0.33
N LYS A 9 0.04 5.69 -1.43
CA LYS A 9 -0.30 4.53 -2.24
C LYS A 9 0.95 3.75 -2.61
N TYR A 10 1.86 3.63 -1.66
CA TYR A 10 3.12 2.91 -1.87
C TYR A 10 3.36 1.92 -0.74
N CYS A 11 3.68 0.68 -1.09
CA CYS A 11 3.93 -0.35 -0.09
C CYS A 11 5.37 -0.30 0.40
N SER A 12 5.54 -0.18 1.71
CA SER A 12 6.86 -0.13 2.33
C SER A 12 7.41 -1.53 2.62
N THR A 13 6.86 -2.53 1.93
CA THR A 13 7.29 -3.90 2.13
C THR A 13 7.48 -4.61 0.78
N CYS A 14 6.65 -4.26 -0.19
CA CYS A 14 6.74 -4.86 -1.53
C CYS A 14 7.43 -3.92 -2.51
N ASP A 15 7.84 -2.74 -2.03
CA ASP A 15 8.49 -1.76 -2.88
C ASP A 15 7.67 -1.48 -4.12
N ILE A 16 6.36 -1.37 -3.94
CA ILE A 16 5.45 -1.10 -5.04
C ILE A 16 4.76 0.24 -4.87
N SER A 17 4.20 0.76 -5.96
CA SER A 17 3.51 2.04 -5.92
C SER A 17 2.12 1.93 -6.54
N PHE A 18 1.27 2.89 -6.26
CA PHE A 18 -0.09 2.90 -6.78
C PHE A 18 -0.50 4.31 -7.20
N ASN A 19 -1.12 4.42 -8.36
CA ASN A 19 -1.57 5.71 -8.87
C ASN A 19 -2.99 6.02 -8.39
N TYR A 20 -3.48 5.24 -7.45
CA TYR A 20 -4.82 5.43 -6.91
C TYR A 20 -4.93 4.86 -5.51
N VAL A 21 -5.41 5.66 -4.57
CA VAL A 21 -5.56 5.23 -3.18
C VAL A 21 -6.36 3.93 -3.10
N LYS A 22 -7.27 3.75 -4.05
CA LYS A 22 -8.09 2.55 -4.09
C LYS A 22 -7.25 1.32 -4.36
N THR A 23 -6.17 1.50 -5.13
CA THR A 23 -5.29 0.39 -5.46
C THR A 23 -4.46 0.00 -4.24
N TYR A 24 -4.00 0.99 -3.50
CA TYR A 24 -3.22 0.75 -2.30
C TYR A 24 -4.05 0.00 -1.27
N LEU A 25 -5.36 0.26 -1.31
CA LEU A 25 -6.29 -0.41 -0.39
C LEU A 25 -6.52 -1.83 -0.84
N ALA A 26 -6.67 -2.01 -2.15
CA ALA A 26 -6.89 -3.33 -2.73
C ALA A 26 -5.68 -4.22 -2.54
N HIS A 27 -4.50 -3.62 -2.51
CA HIS A 27 -3.26 -4.38 -2.33
C HIS A 27 -3.15 -4.91 -0.90
N LYS A 28 -3.55 -4.08 0.06
CA LYS A 28 -3.48 -4.47 1.47
C LYS A 28 -4.59 -5.47 1.81
N GLN A 29 -5.74 -5.30 1.19
CA GLN A 29 -6.88 -6.18 1.42
C GLN A 29 -6.81 -7.44 0.54
N PHE A 30 -5.92 -7.43 -0.45
CA PHE A 30 -5.78 -8.57 -1.34
C PHE A 30 -4.42 -9.23 -1.20
N TYR A 31 -3.36 -8.43 -1.27
CA TYR A 31 -2.00 -8.95 -1.15
C TYR A 31 -1.67 -9.29 0.30
N HIS A 32 -1.95 -8.38 1.20
CA HIS A 32 -1.68 -8.58 2.62
C HIS A 32 -2.93 -9.04 3.35
N LYS A 33 -3.67 -9.97 2.74
CA LYS A 33 -4.89 -10.48 3.34
C LYS A 33 -5.07 -11.96 3.01
N ASN A 34 -3.99 -12.72 3.12
CA ASN A 34 -4.03 -14.15 2.83
C ASN A 34 -2.86 -14.87 3.48
N LYS A 35 -2.53 -14.46 4.71
CA LYS A 35 -1.43 -15.08 5.44
C LYS A 35 -0.10 -14.89 4.69
N PRO A 36 1.02 -14.87 5.42
CA PRO A 36 2.35 -14.70 4.83
C PRO A 36 2.78 -15.91 4.01
N GLY A 1 1.34 11.90 5.77
CA GLY A 1 2.57 12.01 6.60
C GLY A 1 3.27 13.35 6.43
N SER A 2 3.66 13.65 5.19
CA SER A 2 4.35 14.91 4.89
C SER A 2 5.63 15.03 5.70
N ALA A 3 6.42 16.05 5.39
CA ALA A 3 7.68 16.29 6.09
C ALA A 3 8.62 15.09 5.94
N ALA A 4 8.87 14.70 4.69
CA ALA A 4 9.76 13.58 4.42
C ALA A 4 9.22 12.29 5.04
N GLU A 5 8.13 11.78 4.47
CA GLU A 5 7.50 10.55 4.97
C GLU A 5 6.09 10.40 4.39
N VAL A 6 6.02 10.23 3.07
CA VAL A 6 4.74 10.08 2.39
C VAL A 6 4.60 8.67 1.81
N MET A 7 3.43 8.06 2.04
CA MET A 7 3.17 6.72 1.52
C MET A 7 1.67 6.44 1.52
N LYS A 8 0.93 7.22 0.74
CA LYS A 8 -0.52 7.05 0.63
C LYS A 8 -0.87 5.90 -0.31
N LYS A 9 -0.01 5.67 -1.30
CA LYS A 9 -0.23 4.60 -2.27
C LYS A 9 1.07 3.88 -2.61
N TYR A 10 1.86 3.60 -1.58
CA TYR A 10 3.14 2.92 -1.77
C TYR A 10 3.38 1.91 -0.65
N CYS A 11 3.70 0.68 -1.02
CA CYS A 11 3.95 -0.36 -0.02
C CYS A 11 5.39 -0.32 0.47
N SER A 12 5.56 -0.23 1.78
CA SER A 12 6.88 -0.18 2.39
C SER A 12 7.43 -1.58 2.64
N THR A 13 6.89 -2.57 1.94
CA THR A 13 7.33 -3.95 2.10
C THR A 13 7.52 -4.62 0.74
N CYS A 14 6.67 -4.25 -0.22
CA CYS A 14 6.76 -4.83 -1.56
C CYS A 14 7.47 -3.87 -2.53
N ASP A 15 7.80 -2.66 -2.05
CA ASP A 15 8.47 -1.67 -2.88
C ASP A 15 7.65 -1.37 -4.13
N ILE A 16 6.33 -1.34 -3.95
CA ILE A 16 5.42 -1.07 -5.06
C ILE A 16 4.69 0.25 -4.84
N SER A 17 4.12 0.80 -5.92
CA SER A 17 3.39 2.05 -5.85
C SER A 17 2.06 1.95 -6.58
N PHE A 18 1.13 2.81 -6.21
CA PHE A 18 -0.20 2.82 -6.81
C PHE A 18 -0.62 4.24 -7.16
N ASN A 19 -1.10 4.44 -8.38
CA ASN A 19 -1.55 5.75 -8.83
C ASN A 19 -2.95 6.06 -8.30
N TYR A 20 -3.55 5.12 -7.58
CA TYR A 20 -4.88 5.30 -7.03
C TYR A 20 -4.97 4.74 -5.61
N VAL A 21 -5.35 5.60 -4.67
CA VAL A 21 -5.47 5.18 -3.27
C VAL A 21 -6.30 3.91 -3.14
N LYS A 22 -7.23 3.72 -4.05
CA LYS A 22 -8.09 2.55 -4.05
C LYS A 22 -7.27 1.28 -4.30
N THR A 23 -6.25 1.40 -5.13
CA THR A 23 -5.40 0.27 -5.44
C THR A 23 -4.52 -0.08 -4.25
N TYR A 24 -4.01 0.93 -3.58
CA TYR A 24 -3.18 0.72 -2.40
C TYR A 24 -3.96 0.00 -1.33
N LEU A 25 -5.28 0.26 -1.30
CA LEU A 25 -6.15 -0.38 -0.33
C LEU A 25 -6.42 -1.82 -0.78
N ALA A 26 -6.63 -1.99 -2.07
CA ALA A 26 -6.89 -3.30 -2.64
C ALA A 26 -5.66 -4.21 -2.47
N HIS A 27 -4.47 -3.61 -2.48
CA HIS A 27 -3.25 -4.38 -2.32
C HIS A 27 -3.11 -4.91 -0.90
N LYS A 28 -3.48 -4.09 0.07
CA LYS A 28 -3.41 -4.50 1.48
C LYS A 28 -4.51 -5.47 1.83
N GLN A 29 -5.68 -5.28 1.22
CA GLN A 29 -6.82 -6.15 1.47
C GLN A 29 -6.78 -7.40 0.59
N PHE A 30 -5.91 -7.41 -0.41
CA PHE A 30 -5.80 -8.55 -1.31
C PHE A 30 -4.43 -9.23 -1.18
N TYR A 31 -3.36 -8.44 -1.26
CA TYR A 31 -2.01 -8.98 -1.16
C TYR A 31 -1.67 -9.33 0.28
N HIS A 32 -1.91 -8.39 1.19
CA HIS A 32 -1.63 -8.61 2.61
C HIS A 32 -2.89 -9.05 3.35
N LYS A 33 -3.67 -9.90 2.71
CA LYS A 33 -4.91 -10.40 3.31
C LYS A 33 -5.56 -11.44 2.42
N ASN A 34 -4.75 -12.36 1.89
CA ASN A 34 -5.24 -13.42 1.03
C ASN A 34 -5.45 -14.71 1.80
N LYS A 35 -5.76 -14.58 3.09
CA LYS A 35 -5.99 -15.74 3.94
C LYS A 35 -6.78 -15.35 5.19
N PRO A 36 -8.12 -15.33 5.10
CA PRO A 36 -8.99 -14.98 6.22
C PRO A 36 -8.94 -16.01 7.34
N GLY A 1 11.10 12.11 13.26
CA GLY A 1 10.34 13.10 12.44
C GLY A 1 8.83 12.96 12.60
N SER A 2 8.30 11.84 12.11
CA SER A 2 6.87 11.58 12.21
C SER A 2 6.07 12.65 11.47
N ALA A 3 4.85 12.31 11.06
CA ALA A 3 4.00 13.24 10.34
C ALA A 3 4.64 13.69 9.04
N ALA A 4 5.43 12.81 8.44
CA ALA A 4 6.11 13.11 7.18
C ALA A 4 6.73 11.85 6.57
N GLU A 5 5.87 10.89 6.25
CA GLU A 5 6.31 9.62 5.66
C GLU A 5 5.21 8.58 5.73
N VAL A 6 4.11 8.84 5.02
CA VAL A 6 2.97 7.92 4.99
C VAL A 6 3.03 7.00 3.79
N MET A 7 3.70 7.45 2.72
CA MET A 7 3.83 6.67 1.51
C MET A 7 2.48 6.48 0.82
N LYS A 8 1.92 7.59 0.34
CA LYS A 8 0.64 7.57 -0.34
C LYS A 8 0.67 6.65 -1.56
N LYS A 9 -0.19 5.64 -1.56
CA LYS A 9 -0.26 4.69 -2.66
C LYS A 9 1.10 4.02 -2.91
N TYR A 10 1.72 3.55 -1.84
CA TYR A 10 3.02 2.88 -1.95
C TYR A 10 3.22 1.92 -0.79
N CYS A 11 3.58 0.67 -1.11
CA CYS A 11 3.81 -0.33 -0.08
C CYS A 11 5.23 -0.26 0.47
N SER A 12 5.33 -0.17 1.78
CA SER A 12 6.63 -0.08 2.46
C SER A 12 7.21 -1.48 2.73
N THR A 13 6.71 -2.48 2.01
CA THR A 13 7.18 -3.84 2.19
C THR A 13 7.43 -4.52 0.85
N CYS A 14 6.60 -4.19 -0.14
CA CYS A 14 6.74 -4.76 -1.48
C CYS A 14 7.46 -3.80 -2.42
N ASP A 15 7.77 -2.61 -1.94
CA ASP A 15 8.46 -1.62 -2.75
C ASP A 15 7.67 -1.33 -4.02
N ILE A 16 6.35 -1.33 -3.89
CA ILE A 16 5.46 -1.08 -5.02
C ILE A 16 4.73 0.25 -4.85
N SER A 17 4.19 0.76 -5.94
CA SER A 17 3.45 2.03 -5.90
C SER A 17 2.11 1.89 -6.61
N PHE A 18 1.21 2.81 -6.33
CA PHE A 18 -0.12 2.80 -6.92
C PHE A 18 -0.55 4.20 -7.32
N ASN A 19 -1.18 4.32 -8.48
CA ASN A 19 -1.65 5.60 -8.98
C ASN A 19 -3.02 5.96 -8.40
N TYR A 20 -3.53 5.09 -7.53
CA TYR A 20 -4.83 5.32 -6.90
C TYR A 20 -4.83 4.76 -5.48
N VAL A 21 -5.10 5.63 -4.51
CA VAL A 21 -5.12 5.22 -3.11
C VAL A 21 -6.02 3.99 -2.92
N LYS A 22 -7.02 3.86 -3.79
CA LYS A 22 -7.93 2.71 -3.73
C LYS A 22 -7.18 1.42 -4.03
N THR A 23 -6.30 1.48 -5.03
CA THR A 23 -5.52 0.32 -5.41
C THR A 23 -4.58 -0.07 -4.28
N TYR A 24 -4.00 0.93 -3.64
CA TYR A 24 -3.10 0.69 -2.52
C TYR A 24 -3.84 -0.02 -1.40
N LEU A 25 -5.13 0.26 -1.29
CA LEU A 25 -5.97 -0.36 -0.27
C LEU A 25 -6.28 -1.79 -0.69
N ALA A 26 -6.60 -1.95 -1.97
CA ALA A 26 -6.92 -3.26 -2.51
C ALA A 26 -5.71 -4.19 -2.40
N HIS A 27 -4.51 -3.62 -2.48
CA HIS A 27 -3.29 -4.42 -2.38
C HIS A 27 -3.11 -4.94 -0.95
N LYS A 28 -3.44 -4.11 0.03
CA LYS A 28 -3.31 -4.50 1.43
C LYS A 28 -4.41 -5.47 1.83
N GLN A 29 -5.60 -5.28 1.26
CA GLN A 29 -6.74 -6.14 1.56
C GLN A 29 -6.74 -7.39 0.68
N PHE A 30 -5.95 -7.38 -0.39
CA PHE A 30 -5.87 -8.52 -1.30
C PHE A 30 -4.53 -9.23 -1.21
N TYR A 31 -3.45 -8.45 -1.32
CA TYR A 31 -2.11 -9.02 -1.26
C TYR A 31 -1.73 -9.39 0.18
N HIS A 32 -1.98 -8.48 1.11
CA HIS A 32 -1.66 -8.72 2.51
C HIS A 32 -2.90 -9.20 3.26
N LYS A 33 -3.64 -10.12 2.64
CA LYS A 33 -4.85 -10.67 3.25
C LYS A 33 -5.43 -11.79 2.38
N ASN A 34 -4.55 -12.66 1.90
CA ASN A 34 -4.98 -13.78 1.05
C ASN A 34 -5.00 -15.07 1.86
N LYS A 35 -5.52 -15.01 3.09
CA LYS A 35 -5.61 -16.18 3.95
C LYS A 35 -4.22 -16.74 4.24
N PRO A 36 -3.30 -15.90 4.76
CA PRO A 36 -1.93 -16.32 5.09
C PRO A 36 -1.89 -17.28 6.27
N GLY A 1 13.79 12.71 10.55
CA GLY A 1 12.52 13.33 11.02
C GLY A 1 11.50 12.30 11.46
N SER A 2 11.39 11.22 10.71
CA SER A 2 10.45 10.15 11.03
C SER A 2 9.01 10.68 11.02
N ALA A 3 8.73 11.60 10.11
CA ALA A 3 7.41 12.18 9.99
C ALA A 3 7.32 13.12 8.79
N ALA A 4 6.53 12.73 7.79
CA ALA A 4 6.35 13.53 6.59
C ALA A 4 5.00 13.26 5.93
N GLU A 5 4.65 11.98 5.81
CA GLU A 5 3.39 11.57 5.21
C GLU A 5 3.41 10.08 4.87
N VAL A 6 3.49 9.25 5.89
CA VAL A 6 3.52 7.80 5.72
C VAL A 6 2.13 7.26 5.40
N MET A 7 2.07 6.08 4.80
CA MET A 7 0.81 5.45 4.45
C MET A 7 0.02 6.31 3.47
N LYS A 8 -0.11 5.81 2.25
CA LYS A 8 -0.83 6.53 1.20
C LYS A 8 -1.15 5.60 0.02
N LYS A 9 -0.19 5.44 -0.88
CA LYS A 9 -0.37 4.59 -2.05
C LYS A 9 0.97 3.98 -2.48
N TYR A 10 1.72 3.48 -1.51
CA TYR A 10 3.02 2.87 -1.78
C TYR A 10 3.38 1.87 -0.69
N CYS A 11 3.79 0.68 -1.10
CA CYS A 11 4.16 -0.36 -0.14
C CYS A 11 5.67 -0.44 0.03
N SER A 12 6.11 -0.24 1.27
CA SER A 12 7.53 -0.29 1.59
C SER A 12 8.00 -1.73 1.71
N THR A 13 7.06 -2.62 2.01
CA THR A 13 7.36 -4.04 2.16
C THR A 13 7.50 -4.72 0.80
N CYS A 14 6.61 -4.36 -0.13
CA CYS A 14 6.65 -4.94 -1.47
C CYS A 14 7.29 -3.98 -2.47
N ASP A 15 7.73 -2.82 -1.98
CA ASP A 15 8.35 -1.83 -2.84
C ASP A 15 7.49 -1.53 -4.06
N ILE A 16 6.18 -1.42 -3.83
CA ILE A 16 5.24 -1.14 -4.91
C ILE A 16 4.69 0.29 -4.78
N SER A 17 4.14 0.79 -5.87
CA SER A 17 3.56 2.13 -5.87
C SER A 17 2.18 2.13 -6.51
N PHE A 18 1.32 3.03 -6.05
CA PHE A 18 -0.03 3.12 -6.56
C PHE A 18 -0.45 4.58 -6.75
N ASN A 19 -0.98 4.89 -7.93
CA ASN A 19 -1.42 6.24 -8.23
C ASN A 19 -2.90 6.43 -7.89
N TYR A 20 -3.46 5.46 -7.16
CA TYR A 20 -4.86 5.52 -6.77
C TYR A 20 -5.07 4.81 -5.43
N VAL A 21 -5.59 5.55 -4.45
CA VAL A 21 -5.84 4.98 -3.13
C VAL A 21 -6.61 3.66 -3.22
N LYS A 22 -7.39 3.52 -4.28
CA LYS A 22 -8.17 2.30 -4.49
C LYS A 22 -7.25 1.12 -4.73
N THR A 23 -6.13 1.36 -5.40
CA THR A 23 -5.18 0.30 -5.69
C THR A 23 -4.43 -0.10 -4.43
N TYR A 24 -4.09 0.89 -3.62
CA TYR A 24 -3.38 0.63 -2.37
C TYR A 24 -4.27 -0.14 -1.43
N LEU A 25 -5.58 0.05 -1.55
CA LEU A 25 -6.55 -0.65 -0.72
C LEU A 25 -6.68 -2.09 -1.19
N ALA A 26 -6.76 -2.26 -2.51
CA ALA A 26 -6.87 -3.59 -3.09
C ALA A 26 -5.62 -4.42 -2.83
N HIS A 27 -4.47 -3.75 -2.70
CA HIS A 27 -3.23 -4.44 -2.43
C HIS A 27 -3.18 -4.95 -0.99
N LYS A 28 -3.50 -4.08 -0.05
CA LYS A 28 -3.49 -4.44 1.36
C LYS A 28 -4.64 -5.39 1.69
N GLN A 29 -5.69 -5.36 0.85
CA GLN A 29 -6.86 -6.21 1.06
C GLN A 29 -6.66 -7.60 0.46
N PHE A 30 -5.81 -7.70 -0.56
CA PHE A 30 -5.56 -8.98 -1.22
C PHE A 30 -4.12 -9.46 -1.04
N TYR A 31 -3.17 -8.54 -1.16
CA TYR A 31 -1.76 -8.89 -1.02
C TYR A 31 -1.38 -9.14 0.45
N HIS A 32 -2.01 -8.40 1.35
CA HIS A 32 -1.72 -8.54 2.78
C HIS A 32 -2.94 -9.04 3.56
N LYS A 33 -3.93 -9.57 2.84
CA LYS A 33 -5.15 -10.09 3.45
C LYS A 33 -5.67 -9.16 4.55
N ASN A 34 -5.66 -7.86 4.28
CA ASN A 34 -6.14 -6.87 5.23
C ASN A 34 -5.38 -6.98 6.56
N LYS A 35 -4.11 -7.38 6.48
CA LYS A 35 -3.30 -7.53 7.68
C LYS A 35 -1.87 -7.93 7.32
N PRO A 36 -0.98 -6.93 7.11
CA PRO A 36 0.42 -7.18 6.75
C PRO A 36 1.22 -7.75 7.93
N GLY A 1 16.25 7.80 1.01
CA GLY A 1 15.78 8.12 2.38
C GLY A 1 14.27 8.05 2.51
N SER A 2 13.68 9.04 3.15
CA SER A 2 12.23 9.09 3.34
C SER A 2 11.81 10.37 4.05
N ALA A 3 10.80 11.04 3.50
CA ALA A 3 10.30 12.28 4.08
C ALA A 3 9.03 12.04 4.89
N ALA A 4 9.19 11.48 6.09
CA ALA A 4 8.06 11.20 6.95
C ALA A 4 7.12 10.18 6.32
N GLU A 5 6.26 10.63 5.41
CA GLU A 5 5.31 9.76 4.72
C GLU A 5 4.23 10.59 4.02
N VAL A 6 4.64 11.37 3.04
CA VAL A 6 3.71 12.21 2.28
C VAL A 6 3.20 11.49 1.04
N MET A 7 4.08 10.75 0.38
CA MET A 7 3.71 10.01 -0.82
C MET A 7 2.92 8.75 -0.47
N LYS A 8 1.61 8.81 -0.70
CA LYS A 8 0.74 7.68 -0.42
C LYS A 8 0.71 6.70 -1.58
N LYS A 9 -0.12 5.67 -1.47
CA LYS A 9 -0.25 4.68 -2.53
C LYS A 9 1.09 4.01 -2.82
N TYR A 10 1.75 3.52 -1.77
CA TYR A 10 3.04 2.87 -1.90
C TYR A 10 3.27 1.90 -0.75
N CYS A 11 3.61 0.66 -1.08
CA CYS A 11 3.85 -0.36 -0.07
C CYS A 11 5.29 -0.29 0.44
N SER A 12 5.44 -0.18 1.76
CA SER A 12 6.75 -0.11 2.39
C SER A 12 7.31 -1.50 2.68
N THR A 13 6.79 -2.50 1.99
CA THR A 13 7.24 -3.87 2.18
C THR A 13 7.46 -4.57 0.84
N CYS A 14 6.63 -4.23 -0.14
CA CYS A 14 6.75 -4.83 -1.47
C CYS A 14 7.45 -3.88 -2.45
N ASP A 15 7.82 -2.70 -1.97
CA ASP A 15 8.48 -1.71 -2.80
C ASP A 15 7.67 -1.44 -4.07
N ILE A 16 6.35 -1.38 -3.90
CA ILE A 16 5.45 -1.13 -5.01
C ILE A 16 4.74 0.22 -4.85
N SER A 17 4.18 0.72 -5.93
CA SER A 17 3.47 2.00 -5.90
C SER A 17 2.11 1.88 -6.55
N PHE A 18 1.23 2.84 -6.27
CA PHE A 18 -0.11 2.84 -6.82
C PHE A 18 -0.53 4.27 -7.17
N ASN A 19 -1.18 4.42 -8.32
CA ASN A 19 -1.63 5.73 -8.76
C ASN A 19 -3.04 6.02 -8.27
N TYR A 20 -3.52 5.22 -7.31
CA TYR A 20 -4.85 5.39 -6.76
C TYR A 20 -4.92 4.80 -5.36
N VAL A 21 -5.36 5.60 -4.40
CA VAL A 21 -5.47 5.14 -3.01
C VAL A 21 -6.29 3.86 -2.94
N LYS A 22 -7.22 3.71 -3.89
CA LYS A 22 -8.08 2.53 -3.95
C LYS A 22 -7.24 1.28 -4.24
N THR A 23 -6.27 1.42 -5.14
CA THR A 23 -5.40 0.31 -5.50
C THR A 23 -4.51 -0.07 -4.33
N TYR A 24 -4.01 0.94 -3.61
CA TYR A 24 -3.16 0.71 -2.46
C TYR A 24 -3.94 -0.03 -1.39
N LEU A 25 -5.25 0.22 -1.35
CA LEU A 25 -6.12 -0.44 -0.38
C LEU A 25 -6.36 -1.87 -0.81
N ALA A 26 -6.62 -2.05 -2.10
CA ALA A 26 -6.85 -3.37 -2.66
C ALA A 26 -5.63 -4.27 -2.51
N HIS A 27 -4.45 -3.66 -2.56
CA HIS A 27 -3.21 -4.43 -2.42
C HIS A 27 -3.07 -4.98 -1.01
N LYS A 28 -3.40 -4.17 -0.01
CA LYS A 28 -3.30 -4.59 1.39
C LYS A 28 -4.42 -5.56 1.74
N GLN A 29 -5.59 -5.35 1.14
CA GLN A 29 -6.74 -6.20 1.39
C GLN A 29 -6.72 -7.45 0.51
N PHE A 30 -5.85 -7.46 -0.51
CA PHE A 30 -5.77 -8.60 -1.42
C PHE A 30 -4.42 -9.29 -1.32
N TYR A 31 -3.34 -8.50 -1.40
CA TYR A 31 -2.00 -9.06 -1.32
C TYR A 31 -1.64 -9.45 0.10
N HIS A 32 -1.91 -8.55 1.05
CA HIS A 32 -1.61 -8.81 2.46
C HIS A 32 -2.83 -9.36 3.18
N LYS A 33 -3.79 -9.88 2.43
CA LYS A 33 -5.01 -10.45 3.01
C LYS A 33 -5.59 -9.54 4.09
N ASN A 34 -5.63 -8.25 3.80
CA ASN A 34 -6.16 -7.26 4.74
C ASN A 34 -5.45 -7.35 6.09
N LYS A 35 -4.19 -7.75 6.05
CA LYS A 35 -3.40 -7.86 7.28
C LYS A 35 -1.94 -8.21 6.96
N PRO A 36 -1.10 -7.18 6.76
CA PRO A 36 0.32 -7.38 6.45
C PRO A 36 1.11 -7.90 7.63
N GLY A 1 17.77 4.34 2.97
CA GLY A 1 17.21 3.04 2.50
C GLY A 1 15.74 3.14 2.13
N SER A 2 15.33 4.32 1.66
CA SER A 2 13.95 4.54 1.27
C SER A 2 13.01 4.33 2.45
N ALA A 3 13.46 4.74 3.63
CA ALA A 3 12.66 4.59 4.85
C ALA A 3 12.62 5.90 5.63
N ALA A 4 11.82 6.84 5.15
CA ALA A 4 11.69 8.14 5.81
C ALA A 4 10.29 8.33 6.38
N GLU A 5 9.33 8.59 5.49
CA GLU A 5 7.94 8.80 5.89
C GLU A 5 7.14 9.44 4.75
N VAL A 6 7.00 8.70 3.66
CA VAL A 6 6.26 9.18 2.50
C VAL A 6 5.14 8.23 2.11
N MET A 7 4.07 8.22 2.92
CA MET A 7 2.93 7.35 2.67
C MET A 7 2.00 7.96 1.64
N LYS A 8 1.78 7.24 0.54
CA LYS A 8 0.90 7.71 -0.52
C LYS A 8 0.81 6.68 -1.64
N LYS A 9 -0.08 5.71 -1.49
CA LYS A 9 -0.28 4.67 -2.50
C LYS A 9 1.04 3.96 -2.81
N TYR A 10 1.74 3.53 -1.76
CA TYR A 10 3.01 2.86 -1.92
C TYR A 10 3.26 1.90 -0.76
N CYS A 11 3.59 0.64 -1.08
CA CYS A 11 3.84 -0.35 -0.06
C CYS A 11 5.28 -0.29 0.43
N SER A 12 5.43 -0.17 1.76
CA SER A 12 6.75 -0.10 2.38
C SER A 12 7.31 -1.50 2.67
N THR A 13 6.78 -2.50 1.99
CA THR A 13 7.22 -3.88 2.17
C THR A 13 7.44 -4.57 0.84
N CYS A 14 6.61 -4.24 -0.15
CA CYS A 14 6.72 -4.83 -1.47
C CYS A 14 7.43 -3.90 -2.45
N ASP A 15 7.77 -2.70 -1.99
CA ASP A 15 8.45 -1.72 -2.82
C ASP A 15 7.64 -1.44 -4.09
N ILE A 16 6.33 -1.39 -3.93
CA ILE A 16 5.42 -1.13 -5.04
C ILE A 16 4.71 0.20 -4.86
N SER A 17 4.15 0.72 -5.95
CA SER A 17 3.44 1.99 -5.91
C SER A 17 2.09 1.88 -6.60
N PHE A 18 1.21 2.83 -6.30
CA PHE A 18 -0.12 2.85 -6.88
C PHE A 18 -0.54 4.28 -7.21
N ASN A 19 -1.13 4.47 -8.38
CA ASN A 19 -1.56 5.80 -8.81
C ASN A 19 -2.97 6.11 -8.28
N TYR A 20 -3.48 5.27 -7.39
CA TYR A 20 -4.80 5.46 -6.82
C TYR A 20 -4.90 4.83 -5.43
N VAL A 21 -5.24 5.65 -4.44
CA VAL A 21 -5.35 5.17 -3.06
C VAL A 21 -6.22 3.90 -3.00
N LYS A 22 -7.14 3.79 -3.95
CA LYS A 22 -8.03 2.63 -4.01
C LYS A 22 -7.23 1.36 -4.30
N THR A 23 -6.24 1.49 -5.18
CA THR A 23 -5.40 0.36 -5.54
C THR A 23 -4.51 -0.04 -4.37
N TYR A 24 -3.99 0.97 -3.68
CA TYR A 24 -3.14 0.73 -2.52
C TYR A 24 -3.92 0.01 -1.44
N LEU A 25 -5.22 0.28 -1.40
CA LEU A 25 -6.09 -0.35 -0.42
C LEU A 25 -6.37 -1.79 -0.83
N ALA A 26 -6.63 -1.97 -2.12
CA ALA A 26 -6.90 -3.29 -2.67
C ALA A 26 -5.69 -4.20 -2.51
N HIS A 27 -4.50 -3.61 -2.52
CA HIS A 27 -3.27 -4.39 -2.37
C HIS A 27 -3.12 -4.92 -0.95
N LYS A 28 -3.46 -4.08 0.03
CA LYS A 28 -3.36 -4.46 1.43
C LYS A 28 -4.46 -5.44 1.81
N GLN A 29 -5.64 -5.25 1.21
CA GLN A 29 -6.78 -6.10 1.51
C GLN A 29 -6.78 -7.37 0.65
N PHE A 30 -5.92 -7.39 -0.37
CA PHE A 30 -5.83 -8.55 -1.27
C PHE A 30 -4.47 -9.23 -1.16
N TYR A 31 -3.41 -8.44 -1.28
CA TYR A 31 -2.05 -8.98 -1.20
C TYR A 31 -1.68 -9.33 0.24
N HIS A 32 -2.00 -8.44 1.16
CA HIS A 32 -1.70 -8.66 2.57
C HIS A 32 -2.94 -9.14 3.33
N LYS A 33 -3.64 -10.10 2.74
CA LYS A 33 -4.84 -10.65 3.35
C LYS A 33 -4.97 -12.14 3.05
N ASN A 34 -3.86 -12.86 3.16
CA ASN A 34 -3.84 -14.29 2.91
C ASN A 34 -2.49 -14.90 3.25
N LYS A 35 -1.87 -14.38 4.31
CA LYS A 35 -0.56 -14.87 4.74
C LYS A 35 -0.11 -14.16 6.01
N PRO A 36 -0.50 -14.68 7.19
CA PRO A 36 -0.12 -14.09 8.48
C PRO A 36 1.36 -14.24 8.78
N GLY A 1 16.43 4.96 12.10
CA GLY A 1 15.50 5.87 12.80
C GLY A 1 14.19 6.05 12.05
N SER A 2 14.17 6.99 11.11
CA SER A 2 12.97 7.26 10.32
C SER A 2 13.34 7.77 8.93
N ALA A 3 13.62 6.85 8.02
CA ALA A 3 13.99 7.21 6.66
C ALA A 3 13.14 6.44 5.65
N ALA A 4 11.91 6.13 6.02
CA ALA A 4 11.00 5.39 5.15
C ALA A 4 9.57 5.51 5.63
N GLU A 5 8.67 5.87 4.71
CA GLU A 5 7.24 6.02 5.04
C GLU A 5 6.53 6.78 3.92
N VAL A 6 6.48 6.17 2.74
CA VAL A 6 5.81 6.78 1.59
C VAL A 6 4.35 7.06 1.89
N MET A 7 3.59 6.01 2.19
CA MET A 7 2.17 6.14 2.50
C MET A 7 1.39 6.62 1.29
N LYS A 8 0.09 6.78 1.46
CA LYS A 8 -0.81 7.23 0.40
C LYS A 8 -1.10 6.12 -0.60
N LYS A 9 -0.09 5.72 -1.37
CA LYS A 9 -0.25 4.67 -2.36
C LYS A 9 1.09 4.02 -2.69
N TYR A 10 1.76 3.52 -1.67
CA TYR A 10 3.05 2.86 -1.85
C TYR A 10 3.30 1.88 -0.70
N CYS A 11 3.62 0.64 -1.06
CA CYS A 11 3.88 -0.39 -0.05
C CYS A 11 5.33 -0.34 0.43
N SER A 12 5.49 -0.23 1.75
CA SER A 12 6.81 -0.18 2.36
C SER A 12 7.36 -1.57 2.64
N THR A 13 6.81 -2.57 1.94
CA THR A 13 7.24 -3.95 2.12
C THR A 13 7.44 -4.64 0.78
N CYS A 14 6.60 -4.29 -0.19
CA CYS A 14 6.68 -4.87 -1.53
C CYS A 14 7.41 -3.94 -2.49
N ASP A 15 7.74 -2.73 -2.03
CA ASP A 15 8.43 -1.77 -2.87
C ASP A 15 7.62 -1.46 -4.12
N ILE A 16 6.31 -1.39 -3.95
CA ILE A 16 5.40 -1.10 -5.05
C ILE A 16 4.69 0.23 -4.84
N SER A 17 4.14 0.77 -5.92
CA SER A 17 3.42 2.03 -5.85
C SER A 17 2.06 1.93 -6.55
N PHE A 18 1.16 2.85 -6.24
CA PHE A 18 -0.16 2.87 -6.82
C PHE A 18 -0.57 4.29 -7.18
N ASN A 19 -1.15 4.44 -8.37
CA ASN A 19 -1.59 5.74 -8.84
C ASN A 19 -2.99 6.08 -8.33
N TYR A 20 -3.53 5.22 -7.47
CA TYR A 20 -4.86 5.43 -6.91
C TYR A 20 -4.97 4.85 -5.51
N VAL A 21 -5.32 5.69 -4.54
CA VAL A 21 -5.44 5.25 -3.16
C VAL A 21 -6.29 3.98 -3.06
N LYS A 22 -7.22 3.83 -3.98
CA LYS A 22 -8.09 2.65 -4.02
C LYS A 22 -7.28 1.40 -4.29
N THR A 23 -6.27 1.52 -5.15
CA THR A 23 -5.43 0.38 -5.48
C THR A 23 -4.55 0.00 -4.29
N TYR A 24 -4.04 1.01 -3.60
CA TYR A 24 -3.20 0.77 -2.44
C TYR A 24 -3.99 0.04 -1.37
N LEU A 25 -5.30 0.31 -1.33
CA LEU A 25 -6.18 -0.34 -0.37
C LEU A 25 -6.46 -1.76 -0.81
N ALA A 26 -6.68 -1.92 -2.11
CA ALA A 26 -6.95 -3.23 -2.69
C ALA A 26 -5.75 -4.14 -2.50
N HIS A 27 -4.55 -3.59 -2.60
CA HIS A 27 -3.33 -4.37 -2.43
C HIS A 27 -3.25 -4.95 -1.02
N LYS A 28 -3.33 -4.07 -0.02
CA LYS A 28 -3.27 -4.49 1.37
C LYS A 28 -4.39 -5.47 1.68
N GLN A 29 -5.53 -5.28 1.02
CA GLN A 29 -6.69 -6.14 1.23
C GLN A 29 -6.62 -7.39 0.36
N PHE A 30 -5.66 -7.44 -0.55
CA PHE A 30 -5.50 -8.59 -1.44
C PHE A 30 -4.23 -9.37 -1.12
N TYR A 31 -3.09 -8.69 -1.22
CA TYR A 31 -1.80 -9.34 -0.95
C TYR A 31 -1.59 -9.56 0.54
N HIS A 32 -1.85 -8.53 1.34
CA HIS A 32 -1.68 -8.62 2.78
C HIS A 32 -3.00 -8.97 3.47
N LYS A 33 -3.74 -9.91 2.89
CA LYS A 33 -5.01 -10.34 3.44
C LYS A 33 -5.46 -11.66 2.81
N ASN A 34 -4.54 -12.60 2.67
CA ASN A 34 -4.83 -13.89 2.08
C ASN A 34 -3.69 -14.88 2.32
N LYS A 35 -3.03 -14.75 3.46
CA LYS A 35 -1.93 -15.63 3.81
C LYS A 35 -2.34 -16.63 4.88
N PRO A 36 -2.89 -17.78 4.47
CA PRO A 36 -3.33 -18.83 5.41
C PRO A 36 -2.16 -19.53 6.08
N GLY A 1 4.00 23.78 -5.15
CA GLY A 1 3.05 24.39 -4.19
C GLY A 1 3.31 23.97 -2.77
N SER A 2 2.24 23.77 -2.00
CA SER A 2 2.36 23.36 -0.60
C SER A 2 2.58 21.85 -0.51
N ALA A 3 3.29 21.43 0.54
CA ALA A 3 3.57 20.02 0.76
C ALA A 3 3.58 19.68 2.24
N ALA A 4 2.47 19.15 2.72
CA ALA A 4 2.34 18.78 4.13
C ALA A 4 2.69 17.31 4.35
N GLU A 5 2.11 16.44 3.53
CA GLU A 5 2.35 15.00 3.62
C GLU A 5 1.30 14.23 2.84
N VAL A 6 1.30 14.42 1.52
CA VAL A 6 0.34 13.74 0.65
C VAL A 6 0.97 12.52 -0.02
N MET A 7 1.94 11.91 0.67
CA MET A 7 2.64 10.74 0.14
C MET A 7 1.90 9.46 0.52
N LYS A 8 1.22 8.86 -0.45
CA LYS A 8 0.47 7.62 -0.20
C LYS A 8 0.46 6.75 -1.45
N LYS A 9 -0.17 5.58 -1.34
CA LYS A 9 -0.25 4.64 -2.46
C LYS A 9 1.12 4.01 -2.75
N TYR A 10 1.77 3.52 -1.71
CA TYR A 10 3.09 2.89 -1.86
C TYR A 10 3.34 1.90 -0.74
N CYS A 11 3.75 0.69 -1.11
CA CYS A 11 4.03 -0.35 -0.12
C CYS A 11 5.52 -0.39 0.22
N SER A 12 5.83 -0.24 1.49
CA SER A 12 7.21 -0.27 1.95
C SER A 12 7.73 -1.71 2.04
N THR A 13 6.79 -2.65 2.17
CA THR A 13 7.14 -4.06 2.27
C THR A 13 7.40 -4.66 0.89
N CYS A 14 6.58 -4.28 -0.09
CA CYS A 14 6.74 -4.80 -1.45
C CYS A 14 7.43 -3.79 -2.35
N ASP A 15 7.75 -2.61 -1.80
CA ASP A 15 8.41 -1.57 -2.57
C ASP A 15 7.65 -1.27 -3.86
N ILE A 16 6.32 -1.29 -3.76
CA ILE A 16 5.46 -1.02 -4.91
C ILE A 16 4.76 0.31 -4.77
N SER A 17 4.24 0.84 -5.87
CA SER A 17 3.54 2.11 -5.87
C SER A 17 2.17 1.99 -6.53
N PHE A 18 1.29 2.94 -6.25
CA PHE A 18 -0.05 2.94 -6.80
C PHE A 18 -0.48 4.37 -7.12
N ASN A 19 -1.13 4.56 -8.26
CA ASN A 19 -1.60 5.88 -8.66
C ASN A 19 -3.06 6.09 -8.25
N TYR A 20 -3.54 5.23 -7.34
CA TYR A 20 -4.91 5.32 -6.86
C TYR A 20 -5.01 4.71 -5.47
N VAL A 21 -5.40 5.54 -4.50
CA VAL A 21 -5.54 5.08 -3.12
C VAL A 21 -6.37 3.81 -3.05
N LYS A 22 -7.26 3.63 -4.02
CA LYS A 22 -8.12 2.46 -4.06
C LYS A 22 -7.29 1.21 -4.32
N THR A 23 -6.30 1.34 -5.20
CA THR A 23 -5.43 0.21 -5.52
C THR A 23 -4.55 -0.14 -4.33
N TYR A 24 -4.07 0.88 -3.64
CA TYR A 24 -3.23 0.68 -2.46
C TYR A 24 -4.03 -0.06 -1.39
N LEU A 25 -5.33 0.19 -1.37
CA LEU A 25 -6.22 -0.46 -0.40
C LEU A 25 -6.45 -1.90 -0.82
N ALA A 26 -6.68 -2.08 -2.11
CA ALA A 26 -6.92 -3.41 -2.67
C ALA A 26 -5.69 -4.30 -2.50
N HIS A 27 -4.51 -3.68 -2.55
CA HIS A 27 -3.27 -4.43 -2.41
C HIS A 27 -3.12 -4.97 -0.99
N LYS A 28 -3.46 -4.14 -0.01
CA LYS A 28 -3.36 -4.53 1.40
C LYS A 28 -4.46 -5.53 1.75
N GLN A 29 -5.64 -5.34 1.16
CA GLN A 29 -6.77 -6.22 1.44
C GLN A 29 -6.74 -7.48 0.56
N PHE A 30 -5.89 -7.47 -0.46
CA PHE A 30 -5.79 -8.62 -1.37
C PHE A 30 -4.42 -9.29 -1.28
N TYR A 31 -3.36 -8.48 -1.38
CA TYR A 31 -2.00 -9.00 -1.33
C TYR A 31 -1.61 -9.37 0.10
N HIS A 32 -1.96 -8.52 1.06
CA HIS A 32 -1.65 -8.76 2.45
C HIS A 32 -2.85 -9.33 3.21
N LYS A 33 -3.82 -9.86 2.47
CA LYS A 33 -5.02 -10.43 3.07
C LYS A 33 -5.60 -9.51 4.13
N ASN A 34 -5.61 -8.21 3.85
CA ASN A 34 -6.15 -7.23 4.79
C ASN A 34 -5.53 -7.39 6.18
N LYS A 35 -4.30 -7.89 6.23
CA LYS A 35 -3.61 -8.10 7.50
C LYS A 35 -2.10 -7.96 7.32
N PRO A 36 -1.40 -7.50 8.38
CA PRO A 36 0.06 -7.31 8.34
C PRO A 36 0.80 -8.64 8.29
N GLY A 1 3.71 15.01 13.90
CA GLY A 1 4.35 14.54 12.64
C GLY A 1 5.49 13.57 12.91
N SER A 2 5.36 12.78 13.96
CA SER A 2 6.38 11.80 14.32
C SER A 2 6.08 10.45 13.70
N ALA A 3 7.07 9.56 13.70
CA ALA A 3 6.91 8.23 13.13
C ALA A 3 6.57 8.30 11.64
N ALA A 4 7.60 8.26 10.80
CA ALA A 4 7.41 8.32 9.36
C ALA A 4 6.72 7.06 8.84
N GLU A 5 5.75 7.26 7.96
CA GLU A 5 5.00 6.14 7.37
C GLU A 5 3.73 6.64 6.69
N VAL A 6 3.91 7.42 5.63
CA VAL A 6 2.78 7.97 4.88
C VAL A 6 2.08 6.89 4.08
N MET A 7 0.99 6.36 4.64
CA MET A 7 0.22 5.31 3.98
C MET A 7 -0.69 5.91 2.91
N LYS A 8 -0.09 6.35 1.80
CA LYS A 8 -0.85 6.94 0.71
C LYS A 8 -1.14 5.90 -0.37
N LYS A 9 -0.15 5.62 -1.20
CA LYS A 9 -0.31 4.66 -2.28
C LYS A 9 1.04 4.01 -2.63
N TYR A 10 1.72 3.51 -1.61
CA TYR A 10 3.02 2.86 -1.79
C TYR A 10 3.27 1.86 -0.67
N CYS A 11 3.60 0.63 -1.03
CA CYS A 11 3.87 -0.41 -0.05
C CYS A 11 5.31 -0.36 0.44
N SER A 12 5.47 -0.26 1.75
CA SER A 12 6.79 -0.21 2.37
C SER A 12 7.35 -1.61 2.63
N THR A 13 6.81 -2.60 1.93
CA THR A 13 7.25 -3.98 2.09
C THR A 13 7.45 -4.65 0.74
N CYS A 14 6.62 -4.30 -0.23
CA CYS A 14 6.72 -4.87 -1.57
C CYS A 14 7.42 -3.91 -2.53
N ASP A 15 7.80 -2.74 -2.04
CA ASP A 15 8.47 -1.74 -2.86
C ASP A 15 7.65 -1.43 -4.11
N ILE A 16 6.34 -1.33 -3.94
CA ILE A 16 5.44 -1.04 -5.04
C ILE A 16 4.72 0.28 -4.82
N SER A 17 4.16 0.83 -5.90
CA SER A 17 3.43 2.09 -5.82
C SER A 17 2.08 1.97 -6.51
N PHE A 18 1.17 2.90 -6.18
CA PHE A 18 -0.15 2.90 -6.76
C PHE A 18 -0.59 4.32 -7.13
N ASN A 19 -1.13 4.47 -8.33
CA ASN A 19 -1.59 5.77 -8.81
C ASN A 19 -2.98 6.10 -8.28
N TYR A 20 -3.52 5.22 -7.44
CA TYR A 20 -4.86 5.43 -6.87
C TYR A 20 -4.95 4.82 -5.48
N VAL A 21 -5.34 5.63 -4.50
CA VAL A 21 -5.47 5.18 -3.12
C VAL A 21 -6.29 3.91 -3.04
N LYS A 22 -7.24 3.76 -3.95
CA LYS A 22 -8.09 2.57 -3.99
C LYS A 22 -7.27 1.32 -4.30
N THR A 23 -6.25 1.48 -5.14
CA THR A 23 -5.39 0.36 -5.51
C THR A 23 -4.52 -0.04 -4.34
N TYR A 24 -4.02 0.95 -3.61
CA TYR A 24 -3.17 0.69 -2.46
C TYR A 24 -3.96 -0.09 -1.40
N LEU A 25 -5.27 0.17 -1.36
CA LEU A 25 -6.14 -0.51 -0.42
C LEU A 25 -6.40 -1.92 -0.91
N ALA A 26 -6.64 -2.05 -2.21
CA ALA A 26 -6.88 -3.35 -2.82
C ALA A 26 -5.68 -4.27 -2.66
N HIS A 27 -4.48 -3.68 -2.65
CA HIS A 27 -3.26 -4.45 -2.50
C HIS A 27 -3.12 -4.98 -1.08
N LYS A 28 -3.39 -4.13 -0.10
CA LYS A 28 -3.28 -4.52 1.30
C LYS A 28 -4.41 -5.46 1.69
N GLN A 29 -5.53 -5.37 0.99
CA GLN A 29 -6.69 -6.21 1.27
C GLN A 29 -6.60 -7.56 0.56
N PHE A 30 -5.80 -7.64 -0.50
CA PHE A 30 -5.66 -8.88 -1.25
C PHE A 30 -4.24 -9.44 -1.16
N TYR A 31 -3.25 -8.57 -1.32
CA TYR A 31 -1.86 -9.01 -1.26
C TYR A 31 -1.42 -9.29 0.18
N HIS A 32 -1.99 -8.57 1.13
CA HIS A 32 -1.66 -8.75 2.54
C HIS A 32 -2.87 -9.26 3.32
N LYS A 33 -3.85 -9.83 2.62
CA LYS A 33 -5.05 -10.35 3.26
C LYS A 33 -5.64 -9.35 4.24
N ASN A 34 -5.66 -8.08 3.84
CA ASN A 34 -6.20 -7.02 4.69
C ASN A 34 -5.57 -7.05 6.08
N LYS A 35 -4.30 -6.65 6.16
CA LYS A 35 -3.59 -6.62 7.43
C LYS A 35 -3.52 -8.03 8.04
N PRO A 36 -2.41 -8.74 7.84
CA PRO A 36 -2.22 -10.09 8.37
C PRO A 36 -2.05 -10.09 9.88
N GLY A 1 18.61 2.75 1.75
CA GLY A 1 18.58 1.73 2.84
C GLY A 1 17.16 1.33 3.22
N SER A 2 16.32 2.33 3.47
CA SER A 2 14.94 2.07 3.84
C SER A 2 14.08 3.33 3.66
N ALA A 3 12.93 3.17 3.02
CA ALA A 3 12.03 4.28 2.77
C ALA A 3 12.71 5.36 1.93
N ALA A 4 12.43 5.36 0.63
CA ALA A 4 13.01 6.33 -0.28
C ALA A 4 11.93 7.08 -1.05
N GLU A 5 10.83 7.39 -0.37
CA GLU A 5 9.70 8.10 -0.97
C GLU A 5 8.46 8.01 -0.09
N VAL A 6 8.55 8.60 1.10
CA VAL A 6 7.43 8.59 2.04
C VAL A 6 6.17 9.21 1.42
N MET A 7 5.19 8.36 1.13
CA MET A 7 3.95 8.82 0.54
C MET A 7 2.96 7.66 0.38
N LYS A 8 1.68 7.96 0.53
CA LYS A 8 0.63 6.95 0.41
C LYS A 8 0.73 6.24 -0.93
N LYS A 9 -0.24 5.35 -1.19
CA LYS A 9 -0.29 4.59 -2.44
C LYS A 9 1.09 4.04 -2.81
N TYR A 10 1.80 3.57 -1.79
CA TYR A 10 3.13 3.00 -1.98
C TYR A 10 3.46 2.02 -0.85
N CYS A 11 3.65 0.75 -1.21
CA CYS A 11 3.96 -0.27 -0.22
C CYS A 11 5.45 -0.33 0.05
N SER A 12 5.83 -0.11 1.31
CA SER A 12 7.23 -0.15 1.71
C SER A 12 7.69 -1.60 1.88
N THR A 13 6.73 -2.50 2.12
CA THR A 13 7.04 -3.91 2.29
C THR A 13 7.26 -4.60 0.95
N CYS A 14 6.42 -4.26 -0.03
CA CYS A 14 6.55 -4.86 -1.36
C CYS A 14 7.29 -3.93 -2.33
N ASP A 15 7.64 -2.74 -1.85
CA ASP A 15 8.35 -1.78 -2.69
C ASP A 15 7.57 -1.50 -3.97
N ILE A 16 6.25 -1.44 -3.84
CA ILE A 16 5.39 -1.18 -4.98
C ILE A 16 4.76 0.20 -4.87
N SER A 17 4.25 0.70 -5.99
CA SER A 17 3.62 2.02 -6.02
C SER A 17 2.21 1.94 -6.59
N PHE A 18 1.40 2.95 -6.27
CA PHE A 18 0.03 3.02 -6.73
C PHE A 18 -0.32 4.47 -7.06
N ASN A 19 -1.11 4.66 -8.10
CA ASN A 19 -1.53 6.00 -8.52
C ASN A 19 -2.88 6.36 -7.93
N TYR A 20 -3.55 5.39 -7.32
CA TYR A 20 -4.86 5.61 -6.72
C TYR A 20 -4.95 4.94 -5.35
N VAL A 21 -5.29 5.72 -4.34
CA VAL A 21 -5.42 5.18 -2.98
C VAL A 21 -6.27 3.91 -2.96
N LYS A 22 -7.19 3.81 -3.92
CA LYS A 22 -8.05 2.64 -4.04
C LYS A 22 -7.22 1.41 -4.36
N THR A 23 -6.22 1.59 -5.22
CA THR A 23 -5.35 0.48 -5.61
C THR A 23 -4.55 0.00 -4.41
N TYR A 24 -4.06 0.95 -3.62
CA TYR A 24 -3.27 0.62 -2.44
C TYR A 24 -4.14 -0.13 -1.43
N LEU A 25 -5.44 0.14 -1.47
CA LEU A 25 -6.38 -0.51 -0.57
C LEU A 25 -6.62 -1.94 -1.03
N ALA A 26 -6.84 -2.11 -2.33
CA ALA A 26 -7.06 -3.41 -2.91
C ALA A 26 -5.84 -4.30 -2.71
N HIS A 27 -4.66 -3.69 -2.71
CA HIS A 27 -3.42 -4.43 -2.52
C HIS A 27 -3.34 -4.98 -1.10
N LYS A 28 -3.47 -4.09 -0.12
CA LYS A 28 -3.42 -4.49 1.28
C LYS A 28 -4.53 -5.48 1.60
N GLN A 29 -5.65 -5.36 0.88
CA GLN A 29 -6.78 -6.25 1.10
C GLN A 29 -6.62 -7.57 0.34
N PHE A 30 -5.67 -7.62 -0.59
CA PHE A 30 -5.43 -8.82 -1.37
C PHE A 30 -4.08 -9.46 -1.02
N TYR A 31 -3.01 -8.70 -1.17
CA TYR A 31 -1.67 -9.19 -0.89
C TYR A 31 -1.43 -9.28 0.62
N HIS A 32 -2.10 -8.42 1.37
CA HIS A 32 -1.95 -8.41 2.83
C HIS A 32 -3.26 -8.78 3.52
N LYS A 33 -3.81 -9.91 3.13
CA LYS A 33 -5.07 -10.38 3.71
C LYS A 33 -5.09 -11.91 3.79
N ASN A 34 -4.19 -12.46 4.61
CA ASN A 34 -4.09 -13.90 4.79
C ASN A 34 -4.19 -14.64 3.46
N LYS A 35 -3.25 -14.34 2.56
CA LYS A 35 -3.22 -14.98 1.25
C LYS A 35 -2.88 -16.47 1.37
N PRO A 36 -3.32 -17.28 0.40
CA PRO A 36 -3.06 -18.72 0.40
C PRO A 36 -1.60 -19.05 0.14
N GLY A 1 -1.13 8.32 11.01
CA GLY A 1 -1.27 9.47 10.07
C GLY A 1 -0.08 10.42 10.13
N SER A 2 0.27 10.85 11.34
CA SER A 2 1.39 11.76 11.52
C SER A 2 1.17 13.05 10.75
N ALA A 3 -0.07 13.52 10.72
CA ALA A 3 -0.41 14.75 10.01
C ALA A 3 -0.11 14.62 8.52
N ALA A 4 -1.16 14.64 7.71
CA ALA A 4 -1.01 14.54 6.27
C ALA A 4 -0.37 13.21 5.88
N GLU A 5 0.00 13.08 4.61
CA GLU A 5 0.65 11.87 4.10
C GLU A 5 0.63 11.87 2.57
N VAL A 6 1.36 12.81 1.98
CA VAL A 6 1.44 12.92 0.52
C VAL A 6 2.00 11.64 -0.09
N MET A 7 3.02 11.08 0.55
CA MET A 7 3.65 9.86 0.06
C MET A 7 2.75 8.65 0.30
N LYS A 8 1.60 8.64 -0.35
CA LYS A 8 0.65 7.55 -0.21
C LYS A 8 0.67 6.64 -1.45
N LYS A 9 -0.17 5.61 -1.43
CA LYS A 9 -0.25 4.67 -2.54
C LYS A 9 1.10 4.02 -2.82
N TYR A 10 1.73 3.52 -1.76
CA TYR A 10 3.04 2.87 -1.89
C TYR A 10 3.26 1.90 -0.75
N CYS A 11 3.59 0.65 -1.09
CA CYS A 11 3.82 -0.37 -0.08
C CYS A 11 5.26 -0.32 0.44
N SER A 12 5.41 -0.23 1.75
CA SER A 12 6.72 -0.17 2.39
C SER A 12 7.26 -1.57 2.66
N THR A 13 6.73 -2.56 1.96
CA THR A 13 7.17 -3.93 2.14
C THR A 13 7.39 -4.62 0.79
N CYS A 14 6.56 -4.27 -0.19
CA CYS A 14 6.69 -4.86 -1.52
C CYS A 14 7.39 -3.91 -2.49
N ASP A 15 7.77 -2.73 -1.99
CA ASP A 15 8.45 -1.74 -2.82
C ASP A 15 7.65 -1.44 -4.08
N ILE A 16 6.34 -1.37 -3.92
CA ILE A 16 5.45 -1.10 -5.04
C ILE A 16 4.74 0.23 -4.86
N SER A 17 4.19 0.77 -5.94
CA SER A 17 3.48 2.04 -5.88
C SER A 17 2.11 1.93 -6.56
N PHE A 18 1.23 2.88 -6.26
CA PHE A 18 -0.10 2.89 -6.83
C PHE A 18 -0.51 4.32 -7.19
N ASN A 19 -1.15 4.47 -8.34
CA ASN A 19 -1.60 5.78 -8.79
C ASN A 19 -3.01 6.08 -8.30
N TYR A 20 -3.50 5.27 -7.36
CA TYR A 20 -4.83 5.45 -6.81
C TYR A 20 -4.92 4.84 -5.42
N VAL A 21 -5.29 5.65 -4.44
CA VAL A 21 -5.42 5.18 -3.06
C VAL A 21 -6.26 3.91 -2.98
N LYS A 22 -7.19 3.78 -3.92
CA LYS A 22 -8.05 2.60 -3.98
C LYS A 22 -7.23 1.36 -4.28
N THR A 23 -6.27 1.49 -5.18
CA THR A 23 -5.42 0.38 -5.55
C THR A 23 -4.54 -0.03 -4.38
N TYR A 24 -4.03 0.96 -3.66
CA TYR A 24 -3.18 0.70 -2.51
C TYR A 24 -3.97 -0.03 -1.44
N LEU A 25 -5.27 0.23 -1.40
CA LEU A 25 -6.15 -0.42 -0.44
C LEU A 25 -6.41 -1.86 -0.88
N ALA A 26 -6.66 -2.02 -2.17
CA ALA A 26 -6.91 -3.33 -2.74
C ALA A 26 -5.70 -4.25 -2.59
N HIS A 27 -4.51 -3.65 -2.60
CA HIS A 27 -3.28 -4.43 -2.46
C HIS A 27 -3.10 -4.90 -1.01
N LYS A 28 -3.39 -4.01 -0.06
CA LYS A 28 -3.26 -4.35 1.35
C LYS A 28 -4.36 -5.29 1.80
N GLN A 29 -5.51 -5.23 1.13
CA GLN A 29 -6.64 -6.07 1.46
C GLN A 29 -6.56 -7.45 0.80
N PHE A 30 -5.81 -7.55 -0.28
CA PHE A 30 -5.66 -8.82 -0.99
C PHE A 30 -4.23 -9.34 -0.95
N TYR A 31 -3.28 -8.46 -1.24
CA TYR A 31 -1.86 -8.85 -1.24
C TYR A 31 -1.31 -9.01 0.17
N HIS A 32 -2.11 -8.67 1.17
CA HIS A 32 -1.68 -8.79 2.57
C HIS A 32 -2.78 -9.36 3.44
N LYS A 33 -3.77 -10.00 2.82
CA LYS A 33 -4.88 -10.60 3.55
C LYS A 33 -5.94 -11.16 2.60
N ASN A 34 -5.59 -12.26 1.94
CA ASN A 34 -6.51 -12.89 0.99
C ASN A 34 -7.12 -14.16 1.58
N LYS A 35 -7.35 -14.14 2.88
CA LYS A 35 -7.93 -15.28 3.57
C LYS A 35 -9.31 -15.62 3.01
N PRO A 36 -9.70 -16.89 3.04
CA PRO A 36 -11.00 -17.34 2.54
C PRO A 36 -12.16 -16.87 3.41
N GLY A 1 3.32 6.74 16.58
CA GLY A 1 3.67 5.30 16.67
C GLY A 1 4.19 4.75 15.35
N SER A 2 3.28 4.52 14.41
CA SER A 2 3.66 3.98 13.11
C SER A 2 3.75 5.11 12.07
N ALA A 3 4.21 6.27 12.52
CA ALA A 3 4.35 7.42 11.63
C ALA A 3 3.01 7.83 11.04
N ALA A 4 1.94 7.61 11.81
CA ALA A 4 0.60 7.96 11.37
C ALA A 4 0.14 7.06 10.22
N GLU A 5 0.79 7.21 9.07
CA GLU A 5 0.46 6.43 7.88
C GLU A 5 1.08 7.05 6.64
N VAL A 6 2.41 7.04 6.60
CA VAL A 6 3.15 7.61 5.46
C VAL A 6 2.76 6.90 4.16
N MET A 7 3.01 7.56 3.03
CA MET A 7 2.69 7.01 1.73
C MET A 7 1.18 6.86 1.56
N LYS A 8 0.65 7.49 0.50
CA LYS A 8 -0.78 7.43 0.22
C LYS A 8 -1.12 6.21 -0.63
N LYS A 9 -0.16 5.77 -1.44
CA LYS A 9 -0.36 4.62 -2.32
C LYS A 9 0.98 3.99 -2.67
N TYR A 10 1.69 3.50 -1.65
CA TYR A 10 2.99 2.86 -1.85
C TYR A 10 3.26 1.87 -0.72
N CYS A 11 3.59 0.64 -1.08
CA CYS A 11 3.87 -0.39 -0.08
C CYS A 11 5.32 -0.33 0.38
N SER A 12 5.51 -0.19 1.69
CA SER A 12 6.84 -0.13 2.28
C SER A 12 7.38 -1.53 2.58
N THR A 13 6.83 -2.53 1.91
CA THR A 13 7.25 -3.91 2.12
C THR A 13 7.43 -4.63 0.80
N CYS A 14 6.59 -4.29 -0.18
CA CYS A 14 6.68 -4.91 -1.50
C CYS A 14 7.37 -4.00 -2.50
N ASP A 15 7.80 -2.82 -2.04
CA ASP A 15 8.48 -1.86 -2.90
C ASP A 15 7.64 -1.56 -4.15
N ILE A 16 6.34 -1.39 -3.95
CA ILE A 16 5.43 -1.11 -5.05
C ILE A 16 4.74 0.23 -4.86
N SER A 17 4.18 0.77 -5.94
CA SER A 17 3.50 2.05 -5.88
C SER A 17 2.12 1.95 -6.52
N PHE A 18 1.25 2.92 -6.24
CA PHE A 18 -0.09 2.95 -6.78
C PHE A 18 -0.49 4.37 -7.16
N ASN A 19 -1.16 4.49 -8.30
CA ASN A 19 -1.59 5.80 -8.79
C ASN A 19 -2.91 6.22 -8.13
N TYR A 20 -3.64 5.25 -7.59
CA TYR A 20 -4.91 5.52 -6.93
C TYR A 20 -4.94 4.93 -5.53
N VAL A 21 -5.33 5.74 -4.55
CA VAL A 21 -5.41 5.29 -3.16
C VAL A 21 -6.22 4.00 -3.05
N LYS A 22 -7.18 3.85 -3.96
CA LYS A 22 -8.04 2.66 -3.97
C LYS A 22 -7.22 1.42 -4.29
N THR A 23 -6.19 1.59 -5.12
CA THR A 23 -5.33 0.48 -5.49
C THR A 23 -4.48 0.04 -4.32
N TYR A 24 -3.97 1.01 -3.57
CA TYR A 24 -3.16 0.73 -2.40
C TYR A 24 -3.97 -0.04 -1.37
N LEU A 25 -5.27 0.23 -1.35
CA LEU A 25 -6.17 -0.46 -0.43
C LEU A 25 -6.44 -1.87 -0.94
N ALA A 26 -6.64 -1.99 -2.24
CA ALA A 26 -6.90 -3.27 -2.86
C ALA A 26 -5.70 -4.21 -2.69
N HIS A 27 -4.49 -3.63 -2.63
CA HIS A 27 -3.29 -4.41 -2.47
C HIS A 27 -3.17 -4.94 -1.04
N LYS A 28 -3.51 -4.10 -0.07
CA LYS A 28 -3.42 -4.49 1.34
C LYS A 28 -4.56 -5.45 1.70
N GLN A 29 -5.67 -5.34 0.98
CA GLN A 29 -6.82 -6.19 1.24
C GLN A 29 -6.71 -7.53 0.50
N PHE A 30 -5.84 -7.60 -0.49
CA PHE A 30 -5.67 -8.84 -1.26
C PHE A 30 -4.26 -9.42 -1.07
N TYR A 31 -3.25 -8.56 -1.18
CA TYR A 31 -1.87 -9.00 -1.03
C TYR A 31 -1.52 -9.25 0.44
N HIS A 32 -2.01 -8.39 1.32
CA HIS A 32 -1.74 -8.54 2.74
C HIS A 32 -3.01 -8.96 3.49
N LYS A 33 -3.67 -9.99 2.99
CA LYS A 33 -4.90 -10.49 3.61
C LYS A 33 -5.11 -11.96 3.25
N ASN A 34 -4.05 -12.75 3.33
CA ASN A 34 -4.12 -14.18 3.02
C ASN A 34 -2.86 -14.89 3.48
N LYS A 35 -2.79 -15.16 4.78
CA LYS A 35 -1.63 -15.84 5.36
C LYS A 35 -0.35 -15.05 5.12
N PRO A 36 -0.12 -14.00 5.94
CA PRO A 36 1.07 -13.15 5.81
C PRO A 36 2.34 -13.88 6.24
N GLY A 1 0.89 16.91 9.51
CA GLY A 1 -0.16 17.63 10.29
C GLY A 1 0.02 17.49 11.79
N SER A 2 -1.05 17.67 12.54
CA SER A 2 -1.00 17.57 13.99
C SER A 2 -1.49 16.20 14.46
N ALA A 3 -1.26 15.18 13.63
CA ALA A 3 -1.67 13.82 13.95
C ALA A 3 -1.16 12.83 12.92
N ALA A 4 0.05 13.06 12.42
CA ALA A 4 0.65 12.19 11.43
C ALA A 4 -0.19 12.14 10.16
N GLU A 5 0.40 11.62 9.08
CA GLU A 5 -0.28 11.52 7.79
C GLU A 5 0.71 11.25 6.67
N VAL A 6 1.37 10.09 6.73
CA VAL A 6 2.35 9.71 5.73
C VAL A 6 1.92 8.43 5.00
N MET A 7 1.06 8.58 4.01
CA MET A 7 0.58 7.45 3.24
C MET A 7 -0.33 7.91 2.10
N LYS A 8 -0.23 7.24 0.96
CA LYS A 8 -1.05 7.57 -0.20
C LYS A 8 -1.30 6.34 -1.07
N LYS A 9 -0.23 5.79 -1.63
CA LYS A 9 -0.35 4.60 -2.47
C LYS A 9 1.03 4.00 -2.76
N TYR A 10 1.67 3.51 -1.71
CA TYR A 10 2.99 2.90 -1.84
C TYR A 10 3.24 1.90 -0.71
N CYS A 11 3.59 0.68 -1.06
CA CYS A 11 3.84 -0.35 -0.06
C CYS A 11 5.28 -0.28 0.45
N SER A 12 5.42 -0.19 1.76
CA SER A 12 6.74 -0.11 2.40
C SER A 12 7.30 -1.51 2.67
N THR A 13 6.78 -2.51 1.97
CA THR A 13 7.24 -3.89 2.14
C THR A 13 7.46 -4.55 0.80
N CYS A 14 6.62 -4.21 -0.19
CA CYS A 14 6.74 -4.80 -1.52
C CYS A 14 7.44 -3.83 -2.48
N ASP A 15 7.80 -2.65 -1.99
CA ASP A 15 8.46 -1.65 -2.81
C ASP A 15 7.66 -1.36 -4.07
N ILE A 16 6.34 -1.30 -3.91
CA ILE A 16 5.44 -1.04 -5.03
C ILE A 16 4.69 0.27 -4.83
N SER A 17 4.15 0.81 -5.92
CA SER A 17 3.41 2.06 -5.86
C SER A 17 2.07 1.91 -6.58
N PHE A 18 1.13 2.80 -6.26
CA PHE A 18 -0.19 2.77 -6.87
C PHE A 18 -0.63 4.16 -7.29
N ASN A 19 -1.16 4.27 -8.49
CA ASN A 19 -1.62 5.54 -9.02
C ASN A 19 -2.92 6.00 -8.35
N TYR A 20 -3.52 5.11 -7.55
CA TYR A 20 -4.75 5.44 -6.86
C TYR A 20 -4.76 4.84 -5.46
N VAL A 21 -5.15 5.65 -4.47
CA VAL A 21 -5.22 5.20 -3.09
C VAL A 21 -6.08 3.95 -2.95
N LYS A 22 -7.08 3.85 -3.83
CA LYS A 22 -7.99 2.69 -3.82
C LYS A 22 -7.23 1.42 -4.17
N THR A 23 -6.24 1.54 -5.05
CA THR A 23 -5.44 0.40 -5.44
C THR A 23 -4.53 -0.04 -4.30
N TYR A 24 -3.96 0.95 -3.61
CA TYR A 24 -3.09 0.68 -2.48
C TYR A 24 -3.85 -0.07 -1.39
N LEU A 25 -5.15 0.23 -1.31
CA LEU A 25 -6.00 -0.42 -0.32
C LEU A 25 -6.31 -1.84 -0.77
N ALA A 26 -6.60 -1.98 -2.07
CA ALA A 26 -6.89 -3.27 -2.64
C ALA A 26 -5.71 -4.21 -2.52
N HIS A 27 -4.50 -3.64 -2.51
CA HIS A 27 -3.28 -4.45 -2.39
C HIS A 27 -3.11 -4.96 -0.97
N LYS A 28 -3.45 -4.12 0.01
CA LYS A 28 -3.33 -4.50 1.42
C LYS A 28 -4.42 -5.49 1.81
N GLN A 29 -5.60 -5.32 1.21
CA GLN A 29 -6.73 -6.20 1.50
C GLN A 29 -6.69 -7.47 0.64
N PHE A 30 -5.93 -7.43 -0.44
CA PHE A 30 -5.83 -8.57 -1.34
C PHE A 30 -4.48 -9.27 -1.20
N TYR A 31 -3.40 -8.49 -1.28
CA TYR A 31 -2.05 -9.04 -1.17
C TYR A 31 -1.72 -9.38 0.27
N HIS A 32 -1.95 -8.43 1.17
CA HIS A 32 -1.68 -8.63 2.60
C HIS A 32 -2.94 -9.08 3.34
N LYS A 33 -3.69 -9.98 2.73
CA LYS A 33 -4.92 -10.49 3.33
C LYS A 33 -5.48 -11.66 2.52
N ASN A 34 -4.60 -12.57 2.12
CA ASN A 34 -5.00 -13.74 1.35
C ASN A 34 -3.86 -14.74 1.25
N LYS A 35 -3.26 -15.06 2.39
CA LYS A 35 -2.15 -16.01 2.43
C LYS A 35 -0.96 -15.50 1.63
N PRO A 36 -0.17 -14.59 2.21
CA PRO A 36 1.00 -14.02 1.54
C PRO A 36 2.13 -15.05 1.38
N GLY A 1 3.09 1.27 11.17
CA GLY A 1 3.87 0.96 12.41
C GLY A 1 2.98 0.52 13.54
N SER A 2 3.33 0.96 14.76
CA SER A 2 2.55 0.60 15.95
C SER A 2 1.67 1.76 16.38
N ALA A 3 1.19 2.54 15.41
CA ALA A 3 0.34 3.68 15.70
C ALA A 3 -0.34 4.19 14.44
N ALA A 4 -0.65 3.28 13.53
CA ALA A 4 -1.30 3.64 12.27
C ALA A 4 -0.43 4.59 11.46
N GLU A 5 -0.65 4.60 10.14
CA GLU A 5 0.10 5.46 9.23
C GLU A 5 -0.09 5.01 7.79
N VAL A 6 -1.32 5.13 7.31
CA VAL A 6 -1.65 4.74 5.93
C VAL A 6 -1.12 5.76 4.93
N MET A 7 -0.17 5.32 4.10
CA MET A 7 0.42 6.20 3.09
C MET A 7 -0.54 6.41 1.93
N LYS A 8 -0.17 7.32 1.03
CA LYS A 8 -1.00 7.61 -0.14
C LYS A 8 -1.27 6.36 -0.96
N LYS A 9 -0.22 5.80 -1.54
CA LYS A 9 -0.34 4.59 -2.35
C LYS A 9 1.03 3.99 -2.66
N TYR A 10 1.69 3.50 -1.63
CA TYR A 10 3.01 2.89 -1.78
C TYR A 10 3.27 1.88 -0.66
N CYS A 11 3.60 0.65 -1.03
CA CYS A 11 3.87 -0.37 -0.03
C CYS A 11 5.32 -0.32 0.45
N SER A 12 5.49 -0.22 1.76
CA SER A 12 6.81 -0.17 2.38
C SER A 12 7.36 -1.57 2.64
N THR A 13 6.82 -2.56 1.94
CA THR A 13 7.26 -3.94 2.11
C THR A 13 7.46 -4.62 0.76
N CYS A 14 6.62 -4.26 -0.21
CA CYS A 14 6.72 -4.84 -1.54
C CYS A 14 7.42 -3.89 -2.52
N ASP A 15 7.80 -2.71 -2.02
CA ASP A 15 8.46 -1.72 -2.85
C ASP A 15 7.64 -1.42 -4.10
N ILE A 16 6.33 -1.33 -3.93
CA ILE A 16 5.42 -1.05 -5.03
C ILE A 16 4.69 0.27 -4.81
N SER A 17 4.14 0.81 -5.89
CA SER A 17 3.40 2.07 -5.83
C SER A 17 2.08 1.96 -6.56
N PHE A 18 1.14 2.84 -6.21
CA PHE A 18 -0.18 2.84 -6.83
C PHE A 18 -0.59 4.26 -7.20
N ASN A 19 -1.12 4.42 -8.40
CA ASN A 19 -1.56 5.71 -8.88
C ASN A 19 -2.87 6.12 -8.22
N TYR A 20 -3.59 5.14 -7.69
CA TYR A 20 -4.87 5.40 -7.02
C TYR A 20 -4.87 4.84 -5.61
N VAL A 21 -5.26 5.67 -4.65
CA VAL A 21 -5.32 5.26 -3.26
C VAL A 21 -6.16 3.99 -3.10
N LYS A 22 -7.14 3.83 -3.97
CA LYS A 22 -8.01 2.66 -3.94
C LYS A 22 -7.22 1.40 -4.23
N THR A 23 -6.22 1.51 -5.10
CA THR A 23 -5.39 0.38 -5.46
C THR A 23 -4.51 -0.03 -4.28
N TYR A 24 -3.97 0.96 -3.60
CA TYR A 24 -3.12 0.72 -2.43
C TYR A 24 -3.92 -0.02 -1.37
N LEU A 25 -5.21 0.26 -1.32
CA LEU A 25 -6.11 -0.37 -0.36
C LEU A 25 -6.39 -1.80 -0.81
N ALA A 26 -6.63 -1.96 -2.10
CA ALA A 26 -6.91 -3.27 -2.68
C ALA A 26 -5.70 -4.19 -2.53
N HIS A 27 -4.50 -3.61 -2.52
CA HIS A 27 -3.28 -4.39 -2.38
C HIS A 27 -3.13 -4.93 -0.96
N LYS A 28 -3.46 -4.09 0.02
CA LYS A 28 -3.36 -4.50 1.42
C LYS A 28 -4.49 -5.45 1.79
N GLN A 29 -5.65 -5.26 1.16
CA GLN A 29 -6.81 -6.11 1.43
C GLN A 29 -6.78 -7.39 0.60
N PHE A 30 -5.92 -7.43 -0.42
CA PHE A 30 -5.81 -8.59 -1.29
C PHE A 30 -4.45 -9.26 -1.16
N TYR A 31 -3.39 -8.48 -1.26
CA TYR A 31 -2.03 -8.99 -1.18
C TYR A 31 -1.67 -9.34 0.27
N HIS A 32 -1.98 -8.44 1.18
CA HIS A 32 -1.68 -8.65 2.60
C HIS A 32 -2.93 -9.11 3.36
N LYS A 33 -3.65 -10.05 2.77
CA LYS A 33 -4.86 -10.58 3.39
C LYS A 33 -5.05 -12.06 3.05
N ASN A 34 -4.13 -12.89 3.53
CA ASN A 34 -4.19 -14.33 3.28
C ASN A 34 -3.92 -15.11 4.56
N LYS A 35 -4.35 -14.56 5.69
CA LYS A 35 -4.15 -15.20 6.98
C LYS A 35 -2.67 -15.40 7.28
N PRO A 36 -1.96 -14.32 7.65
CA PRO A 36 -0.53 -14.38 7.96
C PRO A 36 -0.24 -15.13 9.26
N GLY A 1 -0.52 16.71 15.64
CA GLY A 1 0.72 15.90 15.50
C GLY A 1 0.77 15.15 14.18
N SER A 2 0.11 14.00 14.13
CA SER A 2 0.09 13.19 12.91
C SER A 2 1.50 12.76 12.52
N ALA A 3 1.58 11.73 11.68
CA ALA A 3 2.87 11.23 11.21
C ALA A 3 3.24 11.81 9.86
N ALA A 4 2.97 13.10 9.68
CA ALA A 4 3.28 13.78 8.43
C ALA A 4 2.46 13.22 7.28
N GLU A 5 2.88 12.07 6.76
CA GLU A 5 2.19 11.41 5.65
C GLU A 5 3.08 10.33 5.04
N VAL A 6 3.37 9.30 5.83
CA VAL A 6 4.20 8.19 5.37
C VAL A 6 3.35 7.04 4.83
N MET A 7 2.28 7.38 4.11
CA MET A 7 1.40 6.37 3.55
C MET A 7 0.30 7.02 2.70
N LYS A 8 0.25 6.65 1.43
CA LYS A 8 -0.75 7.19 0.52
C LYS A 8 -1.08 6.20 -0.58
N LYS A 9 -0.05 5.60 -1.18
CA LYS A 9 -0.23 4.64 -2.26
C LYS A 9 1.09 3.96 -2.61
N TYR A 10 1.84 3.57 -1.59
CA TYR A 10 3.12 2.90 -1.78
C TYR A 10 3.38 1.91 -0.67
N CYS A 11 3.68 0.66 -1.04
CA CYS A 11 3.95 -0.37 -0.05
C CYS A 11 5.40 -0.35 0.40
N SER A 12 5.60 -0.24 1.71
CA SER A 12 6.95 -0.21 2.29
C SER A 12 7.46 -1.61 2.56
N THR A 13 6.89 -2.60 1.89
CA THR A 13 7.29 -3.98 2.07
C THR A 13 7.46 -4.69 0.73
N CYS A 14 6.62 -4.33 -0.23
CA CYS A 14 6.67 -4.93 -1.56
C CYS A 14 7.37 -3.99 -2.56
N ASP A 15 7.79 -2.82 -2.09
CA ASP A 15 8.46 -1.85 -2.95
C ASP A 15 7.62 -1.55 -4.18
N ILE A 16 6.32 -1.40 -3.98
CA ILE A 16 5.40 -1.10 -5.08
C ILE A 16 4.72 0.24 -4.86
N SER A 17 4.16 0.78 -5.93
CA SER A 17 3.46 2.07 -5.86
C SER A 17 2.10 1.98 -6.53
N PHE A 18 1.22 2.92 -6.19
CA PHE A 18 -0.12 2.96 -6.74
C PHE A 18 -0.51 4.39 -7.10
N ASN A 19 -1.13 4.56 -8.26
CA ASN A 19 -1.55 5.88 -8.71
C ASN A 19 -2.99 6.17 -8.26
N TYR A 20 -3.51 5.34 -7.36
CA TYR A 20 -4.86 5.52 -6.85
C TYR A 20 -5.00 4.89 -5.47
N VAL A 21 -5.44 5.69 -4.50
CA VAL A 21 -5.62 5.20 -3.13
C VAL A 21 -6.41 3.91 -3.11
N LYS A 22 -7.31 3.76 -4.09
CA LYS A 22 -8.14 2.56 -4.18
C LYS A 22 -7.29 1.33 -4.47
N THR A 23 -6.23 1.52 -5.24
CA THR A 23 -5.34 0.42 -5.58
C THR A 23 -4.48 0.02 -4.39
N TYR A 24 -4.05 1.02 -3.62
CA TYR A 24 -3.24 0.75 -2.44
C TYR A 24 -4.06 -0.02 -1.41
N LEU A 25 -5.37 0.22 -1.42
CA LEU A 25 -6.27 -0.45 -0.51
C LEU A 25 -6.50 -1.88 -0.98
N ALA A 26 -6.69 -2.03 -2.30
CA ALA A 26 -6.90 -3.33 -2.90
C ALA A 26 -5.70 -4.23 -2.68
N HIS A 27 -4.51 -3.63 -2.64
CA HIS A 27 -3.28 -4.39 -2.44
C HIS A 27 -3.19 -4.91 -1.00
N LYS A 28 -3.49 -4.06 -0.05
CA LYS A 28 -3.44 -4.44 1.36
C LYS A 28 -4.57 -5.40 1.71
N GLN A 29 -5.67 -5.31 0.97
CA GLN A 29 -6.82 -6.17 1.21
C GLN A 29 -6.68 -7.52 0.50
N PHE A 30 -5.80 -7.60 -0.50
CA PHE A 30 -5.60 -8.83 -1.25
C PHE A 30 -4.20 -9.40 -1.04
N TYR A 31 -3.19 -8.54 -1.15
CA TYR A 31 -1.80 -8.97 -0.98
C TYR A 31 -1.47 -9.21 0.48
N HIS A 32 -1.99 -8.35 1.35
CA HIS A 32 -1.74 -8.47 2.79
C HIS A 32 -3.02 -8.86 3.54
N LYS A 33 -3.69 -9.89 3.04
CA LYS A 33 -4.93 -10.37 3.67
C LYS A 33 -5.25 -11.80 3.23
N ASN A 34 -4.22 -12.64 3.22
CA ASN A 34 -4.38 -14.03 2.83
C ASN A 34 -3.14 -14.85 3.17
N LYS A 35 -2.49 -14.48 4.27
CA LYS A 35 -1.29 -15.18 4.70
C LYS A 35 -1.36 -15.53 6.19
N PRO A 36 -1.96 -16.70 6.51
CA PRO A 36 -2.09 -17.15 7.91
C PRO A 36 -0.75 -17.54 8.52
N GLY A 1 3.17 22.91 10.01
CA GLY A 1 3.10 23.23 8.56
C GLY A 1 2.38 22.16 7.76
N SER A 2 1.92 22.52 6.57
CA SER A 2 1.22 21.58 5.70
C SER A 2 2.17 20.98 4.68
N ALA A 3 2.86 19.92 5.08
CA ALA A 3 3.81 19.25 4.21
C ALA A 3 4.21 17.88 4.76
N ALA A 4 3.26 17.21 5.39
CA ALA A 4 3.50 15.90 5.98
C ALA A 4 2.52 14.86 5.44
N GLU A 5 3.01 13.99 4.57
CA GLU A 5 2.19 12.93 3.96
C GLU A 5 2.90 12.33 2.76
N VAL A 6 4.03 11.67 3.01
CA VAL A 6 4.81 11.05 1.94
C VAL A 6 4.45 9.57 1.80
N MET A 7 3.17 9.25 1.96
CA MET A 7 2.71 7.87 1.85
C MET A 7 1.19 7.81 1.72
N LYS A 8 0.71 6.98 0.80
CA LYS A 8 -0.73 6.82 0.57
C LYS A 8 -1.00 5.74 -0.46
N LYS A 9 -0.15 5.68 -1.48
CA LYS A 9 -0.31 4.69 -2.55
C LYS A 9 1.02 4.02 -2.86
N TYR A 10 1.70 3.53 -1.82
CA TYR A 10 2.99 2.87 -1.97
C TYR A 10 3.22 1.90 -0.81
N CYS A 11 3.55 0.66 -1.13
CA CYS A 11 3.79 -0.34 -0.10
C CYS A 11 5.24 -0.28 0.40
N SER A 12 5.38 -0.14 1.71
CA SER A 12 6.70 -0.08 2.34
C SER A 12 7.24 -1.46 2.64
N THR A 13 6.70 -2.48 1.98
CA THR A 13 7.13 -3.85 2.20
C THR A 13 7.33 -4.57 0.87
N CYS A 14 6.50 -4.24 -0.11
CA CYS A 14 6.60 -4.87 -1.43
C CYS A 14 7.34 -3.97 -2.42
N ASP A 15 7.70 -2.76 -1.97
CA ASP A 15 8.40 -1.82 -2.83
C ASP A 15 7.60 -1.54 -4.10
N ILE A 16 6.29 -1.45 -3.94
CA ILE A 16 5.40 -1.18 -5.06
C ILE A 16 4.71 0.16 -4.89
N SER A 17 4.17 0.69 -5.99
CA SER A 17 3.47 1.97 -5.96
C SER A 17 2.09 1.86 -6.60
N PHE A 18 1.25 2.85 -6.33
CA PHE A 18 -0.10 2.88 -6.87
C PHE A 18 -0.47 4.30 -7.25
N ASN A 19 -1.21 4.43 -8.35
CA ASN A 19 -1.64 5.73 -8.83
C ASN A 19 -2.88 6.22 -8.10
N TYR A 20 -3.60 5.29 -7.48
CA TYR A 20 -4.82 5.63 -6.75
C TYR A 20 -4.84 4.97 -5.37
N VAL A 21 -5.18 5.75 -4.35
CA VAL A 21 -5.25 5.24 -2.99
C VAL A 21 -6.12 4.00 -2.92
N LYS A 22 -7.09 3.92 -3.82
CA LYS A 22 -8.00 2.78 -3.87
C LYS A 22 -7.23 1.52 -4.23
N THR A 23 -6.23 1.67 -5.10
CA THR A 23 -5.42 0.53 -5.52
C THR A 23 -4.53 0.06 -4.38
N TYR A 24 -4.01 1.03 -3.63
CA TYR A 24 -3.16 0.71 -2.48
C TYR A 24 -3.96 -0.04 -1.43
N LEU A 25 -5.25 0.25 -1.36
CA LEU A 25 -6.13 -0.40 -0.42
C LEU A 25 -6.43 -1.82 -0.90
N ALA A 26 -6.70 -1.95 -2.18
CA ALA A 26 -6.99 -3.24 -2.78
C ALA A 26 -5.79 -4.18 -2.63
N HIS A 27 -4.59 -3.61 -2.65
CA HIS A 27 -3.37 -4.39 -2.51
C HIS A 27 -3.27 -4.96 -1.09
N LYS A 28 -3.35 -4.09 -0.10
CA LYS A 28 -3.27 -4.51 1.29
C LYS A 28 -4.40 -5.46 1.64
N GLN A 29 -5.53 -5.32 0.94
CA GLN A 29 -6.69 -6.16 1.18
C GLN A 29 -6.60 -7.47 0.41
N PHE A 30 -5.68 -7.55 -0.55
CA PHE A 30 -5.53 -8.75 -1.37
C PHE A 30 -4.19 -9.44 -1.09
N TYR A 31 -3.11 -8.69 -1.21
CA TYR A 31 -1.77 -9.23 -0.98
C TYR A 31 -1.50 -9.44 0.51
N HIS A 32 -1.97 -8.51 1.34
CA HIS A 32 -1.78 -8.60 2.77
C HIS A 32 -3.07 -9.01 3.47
N LYS A 33 -3.72 -10.04 2.95
CA LYS A 33 -4.97 -10.54 3.52
C LYS A 33 -5.06 -12.06 3.40
N ASN A 34 -4.15 -12.75 4.07
CA ASN A 34 -4.12 -14.22 4.04
C ASN A 34 -3.82 -14.72 2.64
N LYS A 35 -2.79 -14.17 2.01
CA LYS A 35 -2.39 -14.56 0.67
C LYS A 35 -1.06 -13.92 0.28
N PRO A 36 -0.01 -14.13 1.09
CA PRO A 36 1.31 -13.58 0.83
C PRO A 36 2.00 -14.25 -0.35
#